data_4J6B
#
_entry.id   4J6B
#
_cell.length_a   103.120
_cell.length_b   103.120
_cell.length_c   217.830
_cell.angle_alpha   90.000
_cell.angle_beta   90.000
_cell.angle_gamma   120.000
#
_symmetry.space_group_name_H-M   'H 3'
#
loop_
_entity.id
_entity.type
_entity.pdbx_description
1 polymer 'Cytochrome P450 monooxygenase'
2 non-polymer (3BETA)-3-HYDROXYPREGN-5-EN-20-ONE
3 non-polymer 'PROTOPORPHYRIN IX CONTAINING FE'
4 non-polymer 'MAGNESIUM ION'
5 non-polymer 'FORMIC ACID'
6 non-polymer 'POTASSIUM ION'
7 water water
#
_entity_poly.entity_id   1
_entity_poly.type   'polypeptide(L)'
_entity_poly.pdbx_seq_one_letter_code
;MNACPHSDTLTIDPMITDLAGETSRLRAAGPLTRIDLLGVPALAVTGHTLARQLLTDTRLVKDINAWSLWQSGTVTRQWP
LIGMIDVDRSMFTVDGPEHRRLRIKTTQALTRRRLDALKPTIERYVAELLDDLERAGADGAVVDLKSVFAYPLPMRVISA
LMGVPSEDQEQLLTWYKAFFSILTPQDERLRVIDEMHGYFTEMVRRKTAEPGDDLTSALIYATDGETPLTEEEVIGNLQA
LVAAGHETTVSLILTAVRALLSHPEQLRLVRDGEIGWETAIEETLRWDGPVIHLLMRFATEDIDLGDAVIPRGEGVVMSY
RAIGRDITVHGADADDFDITRATAARHISFGHGPHICPGAALARLEAAIALPALFTRFPHLHPALPLDQIPNLPVLTQND
LSHFPIHLGR
;
_entity_poly.pdbx_strand_id   A,B
#
loop_
_chem_comp.id
_chem_comp.type
_chem_comp.name
_chem_comp.formula
FMT non-polymer 'FORMIC ACID' 'C H2 O2'
HEM non-polymer 'PROTOPORPHYRIN IX CONTAINING FE' 'C34 H32 Fe N4 O4'
K non-polymer 'POTASSIUM ION' 'K 1'
MG non-polymer 'MAGNESIUM ION' 'Mg 2'
PLO non-polymer (3BETA)-3-HYDROXYPREGN-5-EN-20-ONE 'C21 H32 O2'
#
# COMPACT_ATOMS: atom_id res chain seq x y z
N CYS A 4 -2.74 6.49 1.39
CA CYS A 4 -2.59 5.07 0.95
C CYS A 4 -3.93 4.54 0.45
N PRO A 5 -4.02 4.23 -0.86
CA PRO A 5 -5.26 3.73 -1.44
C PRO A 5 -5.76 2.44 -0.79
N HIS A 6 -7.05 2.14 -0.96
CA HIS A 6 -7.66 0.93 -0.40
C HIS A 6 -6.92 -0.31 -0.87
N SER A 7 -6.60 -1.18 0.09
CA SER A 7 -6.13 -2.52 -0.23
C SER A 7 -6.84 -3.55 0.64
N ASP A 8 -7.07 -4.75 0.10
CA ASP A 8 -7.77 -5.77 0.86
C ASP A 8 -6.77 -6.75 1.50
N THR A 9 -5.48 -6.41 1.41
CA THR A 9 -4.47 -7.01 2.27
C THR A 9 -3.73 -5.92 3.05
N LEU A 10 -3.68 -6.08 4.35
CA LEU A 10 -3.02 -5.11 5.22
C LEU A 10 -1.57 -5.53 5.44
N THR A 11 -0.65 -4.74 4.93
CA THR A 11 0.78 -5.03 5.03
C THR A 11 1.35 -4.48 6.32
N ILE A 12 1.87 -5.37 7.16
CA ILE A 12 2.45 -4.94 8.42
C ILE A 12 3.81 -4.35 8.17
N ASP A 13 3.92 -3.04 8.39
CA ASP A 13 5.14 -2.31 8.10
C ASP A 13 6.20 -2.68 9.16
N PRO A 14 7.33 -3.25 8.72
CA PRO A 14 8.32 -3.71 9.67
C PRO A 14 9.12 -2.58 10.35
N MET A 15 9.08 -1.38 9.78
CA MET A 15 9.75 -0.22 10.40
C MET A 15 8.88 0.38 11.51
N ILE A 16 7.65 -0.13 11.65
CA ILE A 16 6.73 0.36 12.68
C ILE A 16 6.58 1.89 12.62
N THR A 17 6.38 2.41 11.42
CA THR A 17 6.27 3.84 11.19
C THR A 17 4.94 4.43 11.63
N ASP A 18 3.89 3.60 11.67
CA ASP A 18 2.54 4.08 12.03
C ASP A 18 1.77 2.99 12.80
N LEU A 19 2.22 2.72 14.01
CA LEU A 19 1.62 1.67 14.81
C LEU A 19 0.16 1.98 15.13
N ALA A 20 -0.12 3.23 15.50
CA ALA A 20 -1.48 3.65 15.87
C ALA A 20 -2.44 3.44 14.69
N GLY A 21 -2.02 3.90 13.51
CA GLY A 21 -2.83 3.77 12.29
C GLY A 21 -3.04 2.33 11.88
N GLU A 22 -1.96 1.54 11.94
CA GLU A 22 -2.03 0.15 11.54
C GLU A 22 -2.97 -0.61 12.46
N THR A 23 -2.83 -0.37 13.76
CA THR A 23 -3.68 -0.99 14.76
C THR A 23 -5.16 -0.66 14.54
N SER A 24 -5.46 0.62 14.27
CA SER A 24 -6.83 1.02 13.93
C SER A 24 -7.34 0.37 12.61
N ARG A 25 -6.54 0.39 11.54
CA ARG A 25 -6.91 -0.33 10.30
C ARG A 25 -7.29 -1.78 10.60
N LEU A 26 -6.48 -2.45 11.42
CA LEU A 26 -6.70 -3.85 11.75
C LEU A 26 -8.02 -4.08 12.50
N ARG A 27 -8.36 -3.18 13.43
CA ARG A 27 -9.63 -3.27 14.15
C ARG A 27 -10.79 -3.05 13.18
N ALA A 28 -10.63 -2.05 12.31
CA ALA A 28 -11.68 -1.65 11.36
C ALA A 28 -11.92 -2.73 10.30
N ALA A 29 -10.85 -3.46 9.92
CA ALA A 29 -10.94 -4.54 8.93
C ALA A 29 -11.42 -5.90 9.53
N GLY A 30 -11.51 -5.98 10.84
CA GLY A 30 -11.67 -7.25 11.53
C GLY A 30 -13.09 -7.72 11.65
N PRO A 31 -13.33 -8.72 12.52
CA PRO A 31 -12.35 -9.33 13.45
C PRO A 31 -11.41 -10.38 12.84
N LEU A 32 -11.62 -10.72 11.57
CA LEU A 32 -10.67 -11.57 10.81
C LEU A 32 -10.32 -10.92 9.48
N THR A 33 -9.05 -10.70 9.22
CA THR A 33 -8.65 -10.01 8.03
C THR A 33 -7.31 -10.51 7.49
N ARG A 34 -7.10 -10.31 6.19
CA ARG A 34 -5.87 -10.76 5.52
C ARG A 34 -4.73 -9.79 5.81
N ILE A 35 -3.58 -10.32 6.25
CA ILE A 35 -2.38 -9.52 6.38
C ILE A 35 -1.22 -10.05 5.54
N ASP A 36 -0.26 -9.19 5.29
CA ASP A 36 0.96 -9.55 4.60
C ASP A 36 2.15 -9.31 5.56
N LEU A 37 2.91 -10.37 5.81
CA LEU A 37 4.07 -10.30 6.68
C LEU A 37 5.36 -10.51 5.87
N LEU A 38 5.99 -9.43 5.46
CA LEU A 38 7.22 -9.48 4.64
C LEU A 38 7.12 -10.41 3.39
N GLY A 39 6.01 -10.30 2.65
CA GLY A 39 5.79 -11.11 1.44
C GLY A 39 5.08 -12.45 1.66
N VAL A 40 4.64 -12.69 2.89
CA VAL A 40 3.98 -13.95 3.26
C VAL A 40 2.59 -13.66 3.80
N PRO A 41 1.55 -14.25 3.18
CA PRO A 41 0.17 -14.00 3.56
C PRO A 41 -0.22 -14.80 4.79
N ALA A 42 -1.15 -14.26 5.57
CA ALA A 42 -1.72 -14.94 6.73
C ALA A 42 -2.98 -14.21 7.12
N LEU A 43 -3.78 -14.81 8.01
CA LEU A 43 -4.96 -14.16 8.57
C LEU A 43 -4.63 -13.65 9.96
N ALA A 44 -5.01 -12.42 10.25
CA ALA A 44 -4.90 -11.87 11.58
C ALA A 44 -6.25 -11.90 12.27
N VAL A 45 -6.27 -12.41 13.49
CA VAL A 45 -7.43 -12.24 14.37
C VAL A 45 -7.26 -10.94 15.15
N THR A 46 -8.16 -9.98 14.92
CA THR A 46 -8.05 -8.66 15.52
C THR A 46 -9.17 -8.37 16.52
N GLY A 47 -10.08 -9.33 16.70
CA GLY A 47 -11.23 -9.15 17.56
C GLY A 47 -11.17 -10.02 18.80
N HIS A 48 -11.66 -9.47 19.92
CA HIS A 48 -11.49 -10.07 21.24
C HIS A 48 -12.22 -11.38 21.34
N THR A 49 -13.51 -11.37 21.03
CA THR A 49 -14.36 -12.57 21.20
C THR A 49 -13.94 -13.69 20.28
N LEU A 50 -13.66 -13.35 19.02
CA LEU A 50 -13.19 -14.34 18.05
C LEU A 50 -11.82 -14.92 18.47
N ALA A 51 -10.91 -14.06 18.92
CA ALA A 51 -9.61 -14.54 19.47
C ALA A 51 -9.81 -15.58 20.60
N ARG A 52 -10.64 -15.26 21.58
CA ARG A 52 -10.94 -16.22 22.66
C ARG A 52 -11.43 -17.56 22.13
N GLN A 53 -12.33 -17.52 21.15
CA GLN A 53 -12.86 -18.73 20.55
C GLN A 53 -11.74 -19.55 19.89
N LEU A 54 -10.94 -18.91 19.06
CA LEU A 54 -9.93 -19.62 18.27
C LEU A 54 -8.72 -20.11 19.09
N LEU A 55 -8.41 -19.41 20.17
CA LEU A 55 -7.32 -19.82 21.05
C LEU A 55 -7.67 -21.11 21.81
N THR A 56 -8.96 -21.47 21.85
CA THR A 56 -9.41 -22.74 22.45
C THR A 56 -9.83 -23.77 21.39
N ASP A 57 -9.64 -23.43 20.12
CA ASP A 57 -10.01 -24.32 19.00
C ASP A 57 -8.87 -25.32 18.69
N THR A 58 -9.17 -26.61 18.84
CA THR A 58 -8.18 -27.67 18.68
C THR A 58 -7.76 -27.89 17.21
N ARG A 59 -8.48 -27.26 16.27
CA ARG A 59 -8.11 -27.32 14.86
C ARG A 59 -7.06 -26.24 14.47
N LEU A 60 -6.67 -25.43 15.46
CA LEU A 60 -5.55 -24.50 15.27
C LEU A 60 -4.32 -24.94 16.08
N VAL A 61 -3.23 -25.29 15.39
CA VAL A 61 -2.05 -25.84 16.02
C VAL A 61 -0.78 -25.00 15.70
N LYS A 62 0.24 -25.14 16.54
CA LYS A 62 1.50 -24.45 16.35
C LYS A 62 2.37 -25.12 15.28
N ASP A 63 2.23 -26.44 15.14
CA ASP A 63 3.13 -27.26 14.30
C ASP A 63 3.38 -26.64 12.91
N ILE A 64 4.60 -26.18 12.67
CA ILE A 64 4.88 -25.53 11.39
C ILE A 64 4.63 -26.46 10.20
N ASN A 65 4.72 -27.77 10.39
CA ASN A 65 4.44 -28.71 9.30
C ASN A 65 2.94 -28.75 8.85
N ALA A 66 2.05 -28.16 9.66
CA ALA A 66 0.64 -28.02 9.30
C ALA A 66 0.39 -26.79 8.40
N TRP A 67 1.46 -26.09 8.05
CA TRP A 67 1.36 -24.85 7.24
C TRP A 67 1.58 -25.14 5.78
N SER A 68 0.57 -24.85 4.96
CA SER A 68 0.64 -25.23 3.56
C SER A 68 1.86 -24.59 2.87
N LEU A 69 2.19 -23.34 3.24
CA LEU A 69 3.35 -22.66 2.63
C LEU A 69 4.69 -23.28 3.07
N TRP A 70 4.68 -24.00 4.17
CA TRP A 70 5.87 -24.70 4.64
C TRP A 70 5.98 -26.02 3.96
N GLN A 71 4.86 -26.72 3.87
CA GLN A 71 4.79 -27.99 3.15
C GLN A 71 5.31 -27.86 1.72
N SER A 72 4.94 -26.77 1.06
CA SER A 72 5.26 -26.54 -0.35
C SER A 72 6.62 -25.85 -0.54
N GLY A 73 7.26 -25.46 0.55
CA GLY A 73 8.55 -24.80 0.47
C GLY A 73 8.46 -23.39 -0.09
N THR A 74 7.27 -22.80 -0.01
CA THR A 74 7.08 -21.41 -0.45
C THR A 74 7.69 -20.46 0.57
N VAL A 75 7.65 -20.86 1.84
CA VAL A 75 8.34 -20.14 2.88
C VAL A 75 9.49 -21.00 3.37
N THR A 76 10.65 -20.36 3.63
CA THR A 76 11.86 -21.06 4.05
C THR A 76 12.55 -20.31 5.19
N ARG A 77 13.71 -20.80 5.62
CA ARG A 77 14.49 -20.13 6.68
C ARG A 77 15.06 -18.77 6.25
N GLN A 78 14.91 -18.41 4.97
CA GLN A 78 15.28 -17.05 4.51
C GLN A 78 14.25 -15.98 4.92
N TRP A 79 13.05 -16.42 5.26
CA TRP A 79 12.00 -15.50 5.76
C TRP A 79 12.46 -14.86 7.05
N PRO A 80 12.53 -13.52 7.09
CA PRO A 80 13.09 -12.88 8.27
C PRO A 80 12.33 -13.06 9.58
N LEU A 81 11.06 -13.50 9.52
CA LEU A 81 10.29 -13.80 10.72
C LEU A 81 10.37 -15.28 11.15
N ILE A 82 11.09 -16.09 10.40
CA ILE A 82 11.02 -17.56 10.57
C ILE A 82 11.49 -18.01 11.96
N GLY A 83 12.44 -17.28 12.52
CA GLY A 83 12.94 -17.61 13.87
C GLY A 83 11.87 -17.55 14.95
N MET A 84 10.75 -16.88 14.67
CA MET A 84 9.68 -16.74 15.67
C MET A 84 8.85 -17.99 15.80
N ILE A 85 8.89 -18.86 14.78
CA ILE A 85 8.03 -20.06 14.79
C ILE A 85 8.70 -21.41 14.45
N ASP A 86 9.74 -21.39 13.62
CA ASP A 86 10.48 -22.62 13.32
C ASP A 86 11.54 -22.86 14.36
N VAL A 87 11.07 -23.23 15.54
CA VAL A 87 11.91 -23.43 16.70
C VAL A 87 11.73 -24.85 17.23
N ASP A 88 12.53 -25.22 18.22
CA ASP A 88 12.55 -26.59 18.71
C ASP A 88 11.31 -26.92 19.55
N ARG A 89 11.17 -28.19 19.91
CA ARG A 89 10.03 -28.67 20.70
C ARG A 89 10.03 -28.06 22.12
N SER A 90 8.92 -27.47 22.51
CA SER A 90 8.74 -26.92 23.87
C SER A 90 7.27 -26.70 24.08
N MET A 91 6.90 -26.21 25.26
CA MET A 91 5.51 -25.85 25.54
C MET A 91 4.98 -24.90 24.47
N PHE A 92 5.88 -24.18 23.82
CA PHE A 92 5.51 -23.19 22.80
C PHE A 92 4.98 -23.81 21.48
N THR A 93 5.53 -24.95 21.09
CA THR A 93 5.26 -25.54 19.77
C THR A 93 4.29 -26.75 19.83
N VAL A 94 3.93 -27.17 21.02
CA VAL A 94 3.20 -28.42 21.17
C VAL A 94 1.73 -28.12 21.46
N ASP A 95 0.85 -29.00 21.00
CA ASP A 95 -0.58 -28.91 21.28
C ASP A 95 -1.12 -30.29 21.70
N GLY A 96 -2.22 -30.30 22.44
CA GLY A 96 -2.88 -31.53 22.83
C GLY A 96 -2.44 -32.04 24.18
N PRO A 97 -2.65 -33.35 24.44
CA PRO A 97 -2.36 -34.00 25.72
C PRO A 97 -0.89 -33.93 26.13
N GLU A 98 0.01 -33.87 25.15
CA GLU A 98 1.44 -33.76 25.45
C GLU A 98 1.81 -32.38 26.00
N HIS A 99 0.96 -31.39 25.75
CA HIS A 99 1.27 -30.02 26.05
C HIS A 99 1.43 -29.78 27.54
N ARG A 100 0.47 -30.27 28.33
CA ARG A 100 0.48 -30.05 29.78
C ARG A 100 1.80 -30.49 30.45
N ARG A 101 2.31 -31.65 30.05
CA ARG A 101 3.56 -32.19 30.59
C ARG A 101 4.70 -31.17 30.42
N LEU A 102 4.71 -30.48 29.28
CA LEU A 102 5.77 -29.54 28.97
C LEU A 102 5.61 -28.20 29.74
N ARG A 103 4.43 -28.00 30.35
CA ARG A 103 4.10 -26.76 31.09
C ARG A 103 4.13 -26.89 32.62
N ILE A 104 3.90 -28.09 33.14
CA ILE A 104 3.49 -28.25 34.55
C ILE A 104 4.56 -27.78 35.57
N LYS A 105 5.80 -28.23 35.41
CA LYS A 105 6.88 -27.76 36.30
C LYS A 105 7.03 -26.22 36.26
N THR A 106 6.73 -25.62 35.12
CA THR A 106 6.90 -24.18 34.98
C THR A 106 5.75 -23.40 35.65
N THR A 107 4.51 -23.86 35.47
CA THR A 107 3.37 -23.19 36.07
C THR A 107 3.40 -23.36 37.60
N GLN A 108 3.82 -24.53 38.06
CA GLN A 108 3.99 -24.74 39.48
C GLN A 108 5.06 -23.77 40.03
N ALA A 109 6.18 -23.65 39.33
CA ALA A 109 7.30 -22.83 39.82
C ALA A 109 6.96 -21.33 39.81
N LEU A 110 5.93 -20.96 39.04
CA LEU A 110 5.60 -19.55 38.82
C LEU A 110 4.22 -19.16 39.37
N THR A 111 3.68 -19.95 40.30
CA THR A 111 2.48 -19.56 41.03
C THR A 111 2.82 -18.39 41.95
N ARG A 112 1.83 -17.55 42.24
CA ARG A 112 2.03 -16.41 43.15
C ARG A 112 2.77 -16.82 44.46
N ARG A 113 2.38 -17.94 45.08
CA ARG A 113 3.01 -18.33 46.33
C ARG A 113 4.47 -18.74 46.16
N ARG A 114 4.78 -19.46 45.08
CA ARG A 114 6.16 -19.86 44.85
C ARG A 114 7.06 -18.64 44.53
N LEU A 115 6.47 -17.63 43.92
CA LEU A 115 7.20 -16.42 43.54
C LEU A 115 7.52 -15.52 44.72
N ASP A 116 6.83 -15.71 45.84
N ASP A 116 6.86 -15.72 45.84
CA ASP A 116 7.13 -14.98 47.07
CA ASP A 116 7.16 -14.92 47.01
C ASP A 116 8.61 -15.13 47.40
C ASP A 116 8.63 -15.12 47.41
N ALA A 117 9.15 -16.32 47.19
CA ALA A 117 10.53 -16.63 47.48
C ALA A 117 11.48 -15.81 46.60
N LEU A 118 10.99 -15.40 45.43
CA LEU A 118 11.78 -14.65 44.49
C LEU A 118 11.73 -13.15 44.78
N LYS A 119 10.80 -12.74 45.64
CA LYS A 119 10.51 -11.31 45.86
C LYS A 119 11.77 -10.54 46.34
N PRO A 120 12.48 -11.06 47.37
CA PRO A 120 13.68 -10.35 47.82
C PRO A 120 14.67 -10.09 46.68
N THR A 121 14.87 -11.10 45.82
CA THR A 121 15.78 -10.96 44.65
C THR A 121 15.34 -9.83 43.71
N ILE A 122 14.04 -9.80 43.38
CA ILE A 122 13.50 -8.73 42.55
C ILE A 122 13.72 -7.36 43.18
N GLU A 123 13.48 -7.26 44.49
CA GLU A 123 13.69 -6.02 45.23
C GLU A 123 15.15 -5.60 45.17
N ARG A 124 16.08 -6.56 45.33
CA ARG A 124 17.50 -6.24 45.28
C ARG A 124 17.91 -5.63 43.95
N TYR A 125 17.50 -6.25 42.86
CA TYR A 125 17.82 -5.75 41.50
C TYR A 125 17.16 -4.41 41.20
N VAL A 126 15.92 -4.24 41.64
CA VAL A 126 15.26 -2.97 41.47
C VAL A 126 16.01 -1.86 42.21
N ALA A 127 16.41 -2.13 43.46
CA ALA A 127 17.17 -1.14 44.25
C ALA A 127 18.54 -0.85 43.61
N GLU A 128 19.20 -1.88 43.12
CA GLU A 128 20.49 -1.72 42.44
C GLU A 128 20.40 -0.83 41.23
N LEU A 129 19.37 -1.02 40.44
CA LEU A 129 19.25 -0.30 39.20
C LEU A 129 18.71 1.14 39.41
N LEU A 130 17.91 1.35 40.46
CA LEU A 130 17.55 2.70 40.86
C LEU A 130 18.80 3.45 41.32
N ASP A 131 19.69 2.77 42.04
CA ASP A 131 21.01 3.35 42.37
C ASP A 131 21.76 3.75 41.07
N ASP A 132 21.82 2.86 40.07
CA ASP A 132 22.44 3.22 38.77
C ASP A 132 21.75 4.45 38.14
N LEU A 133 20.44 4.50 38.29
CA LEU A 133 19.65 5.61 37.77
C LEU A 133 20.07 6.92 38.45
N GLU A 134 20.16 6.89 39.78
N GLU A 134 20.18 6.90 39.77
CA GLU A 134 20.61 8.07 40.54
CA GLU A 134 20.58 8.11 40.51
C GLU A 134 21.95 8.58 40.01
C GLU A 134 21.96 8.60 40.03
N ARG A 135 22.90 7.68 39.87
CA ARG A 135 24.24 8.04 39.40
C ARG A 135 24.24 8.64 38.00
N ALA A 136 23.52 8.00 37.09
CA ALA A 136 23.41 8.47 35.72
C ALA A 136 22.66 9.80 35.62
N GLY A 137 21.73 10.05 36.51
CA GLY A 137 20.92 11.27 36.42
C GLY A 137 21.45 12.44 37.24
N ALA A 138 22.65 12.28 37.80
CA ALA A 138 23.25 13.30 38.67
C ALA A 138 23.50 14.58 37.88
N ASP A 139 23.55 15.71 38.59
CA ASP A 139 23.77 17.02 37.99
C ASP A 139 22.79 17.28 36.85
N GLY A 140 21.57 16.77 36.98
CA GLY A 140 20.51 17.04 35.99
C GLY A 140 20.70 16.43 34.59
N ALA A 141 21.59 15.45 34.46
CA ALA A 141 21.87 14.84 33.14
C ALA A 141 20.68 14.05 32.60
N VAL A 142 20.54 14.05 31.29
CA VAL A 142 19.58 13.18 30.66
C VAL A 142 20.07 11.73 30.72
N VAL A 143 19.14 10.83 30.95
CA VAL A 143 19.41 9.46 31.24
C VAL A 143 18.43 8.62 30.46
N ASP A 144 18.88 7.48 29.96
CA ASP A 144 18.01 6.56 29.25
C ASP A 144 17.40 5.57 30.23
N LEU A 145 16.12 5.72 30.51
CA LEU A 145 15.44 4.84 31.47
C LEU A 145 15.46 3.37 31.03
N LYS A 146 15.49 3.12 29.71
CA LYS A 146 15.53 1.74 29.21
C LYS A 146 16.87 1.08 29.50
N SER A 147 17.95 1.59 28.92
CA SER A 147 19.28 0.98 29.11
C SER A 147 19.70 0.88 30.59
N VAL A 148 19.41 1.91 31.39
CA VAL A 148 19.87 1.90 32.79
C VAL A 148 19.00 1.05 33.72
N PHE A 149 17.71 0.95 33.41
CA PHE A 149 16.75 0.37 34.35
C PHE A 149 15.87 -0.76 33.77
N ALA A 150 14.97 -0.42 32.84
CA ALA A 150 13.93 -1.35 32.37
C ALA A 150 14.52 -2.53 31.60
N TYR A 151 15.55 -2.27 30.79
CA TYR A 151 16.17 -3.31 29.95
C TYR A 151 16.89 -4.39 30.76
N PRO A 152 17.72 -3.99 31.75
CA PRO A 152 18.41 -5.04 32.53
C PRO A 152 17.53 -5.80 33.55
N LEU A 153 16.57 -5.12 34.19
CA LEU A 153 15.86 -5.71 35.33
C LEU A 153 15.28 -7.09 35.03
N PRO A 154 14.48 -7.23 33.95
CA PRO A 154 13.87 -8.51 33.68
C PRO A 154 14.86 -9.57 33.27
N MET A 155 16.00 -9.17 32.71
CA MET A 155 17.02 -10.17 32.42
C MET A 155 17.60 -10.66 33.73
N ARG A 156 17.95 -9.76 34.63
N ARG A 156 17.95 -9.76 34.63
CA ARG A 156 18.49 -10.17 35.91
CA ARG A 156 18.51 -10.18 35.91
C ARG A 156 17.50 -11.14 36.57
C ARG A 156 17.51 -11.13 36.58
N VAL A 157 16.22 -10.79 36.56
CA VAL A 157 15.20 -11.59 37.30
C VAL A 157 14.99 -12.98 36.69
N ILE A 158 14.82 -13.04 35.37
CA ILE A 158 14.57 -14.32 34.73
C ILE A 158 15.83 -15.19 34.83
N SER A 159 17.01 -14.55 34.77
CA SER A 159 18.28 -15.24 34.91
C SER A 159 18.46 -15.85 36.30
N ALA A 160 18.02 -15.15 37.33
CA ALA A 160 18.06 -15.68 38.69
C ALA A 160 17.17 -16.95 38.82
N LEU A 161 15.99 -16.89 38.23
CA LEU A 161 15.05 -17.99 38.31
C LEU A 161 15.56 -19.25 37.56
N MET A 162 16.16 -19.05 36.39
CA MET A 162 16.54 -20.17 35.53
C MET A 162 17.97 -20.63 35.73
N GLY A 163 18.81 -19.78 36.33
CA GLY A 163 20.20 -20.13 36.59
C GLY A 163 21.20 -19.69 35.52
N VAL A 164 20.90 -18.58 34.85
CA VAL A 164 21.84 -17.97 33.92
C VAL A 164 22.85 -17.12 34.70
N PRO A 165 24.14 -17.44 34.59
CA PRO A 165 25.18 -16.76 35.36
C PRO A 165 25.26 -15.26 35.08
N SER A 166 25.45 -14.49 36.12
CA SER A 166 25.59 -13.05 36.01
C SER A 166 26.38 -12.65 34.77
N GLU A 167 27.53 -13.28 34.57
CA GLU A 167 28.50 -12.83 33.58
C GLU A 167 28.10 -13.16 32.13
N ASP A 168 27.08 -14.01 31.95
CA ASP A 168 26.64 -14.41 30.59
C ASP A 168 25.47 -13.58 30.07
N GLN A 169 24.94 -12.67 30.89
CA GLN A 169 23.66 -12.04 30.60
C GLN A 169 23.78 -10.97 29.53
N GLU A 170 24.90 -10.26 29.50
CA GLU A 170 25.14 -9.27 28.47
C GLU A 170 25.11 -9.91 27.08
N GLN A 171 25.74 -11.08 26.93
CA GLN A 171 25.80 -11.75 25.64
C GLN A 171 24.42 -12.18 25.18
N LEU A 172 23.59 -12.65 26.13
CA LEU A 172 22.23 -13.00 25.83
C LEU A 172 21.47 -11.78 25.27
N LEU A 173 21.59 -10.64 25.94
CA LEU A 173 20.91 -9.42 25.49
C LEU A 173 21.35 -9.00 24.08
N THR A 174 22.64 -9.15 23.80
CA THR A 174 23.19 -8.83 22.46
C THR A 174 22.56 -9.74 21.41
N TRP A 175 22.46 -11.03 21.72
CA TRP A 175 21.83 -11.96 20.83
C TRP A 175 20.39 -11.60 20.62
N TYR A 176 19.65 -11.34 21.72
CA TYR A 176 18.22 -11.03 21.58
C TYR A 176 18.00 -9.84 20.66
N LYS A 177 18.82 -8.80 20.82
CA LYS A 177 18.67 -7.59 20.05
C LYS A 177 18.78 -7.90 18.55
N ALA A 178 19.81 -8.66 18.20
CA ALA A 178 20.01 -9.08 16.81
C ALA A 178 18.84 -9.92 16.34
N PHE A 179 18.41 -10.84 17.19
CA PHE A 179 17.35 -11.76 16.85
C PHE A 179 16.05 -11.03 16.47
N PHE A 180 15.67 -10.04 17.29
CA PHE A 180 14.39 -9.33 17.11
C PHE A 180 14.41 -8.24 16.02
N SER A 181 15.56 -7.62 15.78
CA SER A 181 15.60 -6.52 14.79
C SER A 181 15.40 -7.04 13.39
N ILE A 182 14.42 -6.47 12.71
CA ILE A 182 14.16 -6.81 11.32
C ILE A 182 15.38 -6.49 10.46
N LEU A 183 16.20 -5.53 10.90
CA LEU A 183 17.37 -5.08 10.12
C LEU A 183 18.56 -6.06 10.09
N THR A 184 18.70 -6.89 11.12
CA THR A 184 19.74 -7.91 11.14
C THR A 184 19.73 -8.70 9.85
N PRO A 185 20.87 -8.76 9.14
CA PRO A 185 20.99 -9.65 7.97
C PRO A 185 20.57 -11.07 8.30
N GLN A 186 19.82 -11.70 7.40
CA GLN A 186 19.20 -13.01 7.69
C GLN A 186 20.22 -14.09 8.00
N ASP A 187 21.32 -14.08 7.28
CA ASP A 187 22.35 -15.08 7.53
C ASP A 187 22.95 -14.88 8.94
N GLU A 188 23.17 -13.64 9.35
CA GLU A 188 23.65 -13.36 10.68
C GLU A 188 22.60 -13.76 11.73
N ARG A 189 21.32 -13.53 11.43
CA ARG A 189 20.24 -13.89 12.35
C ARG A 189 20.20 -15.40 12.59
N LEU A 190 20.30 -16.17 11.52
CA LEU A 190 20.26 -17.64 11.64
C LEU A 190 21.49 -18.16 12.45
N ARG A 191 22.62 -17.50 12.26
CA ARG A 191 23.83 -17.80 13.02
C ARG A 191 23.64 -17.46 14.48
N VAL A 192 23.04 -16.30 14.76
CA VAL A 192 22.66 -15.95 16.13
C VAL A 192 21.68 -16.96 16.73
N ILE A 193 20.74 -17.45 15.94
CA ILE A 193 19.81 -18.49 16.43
C ILE A 193 20.60 -19.77 16.84
N ASP A 194 21.59 -20.14 16.03
CA ASP A 194 22.44 -21.30 16.34
C ASP A 194 23.29 -21.03 17.61
N GLU A 195 23.84 -19.85 17.73
CA GLU A 195 24.68 -19.55 18.89
C GLU A 195 23.86 -19.59 20.19
N MET A 196 22.69 -18.98 20.16
CA MET A 196 21.80 -19.04 21.31
C MET A 196 21.53 -20.48 21.69
N HIS A 197 21.18 -21.31 20.71
CA HIS A 197 20.90 -22.72 20.98
C HIS A 197 22.10 -23.44 21.55
N GLY A 198 23.28 -23.12 21.02
CA GLY A 198 24.54 -23.64 21.54
C GLY A 198 24.80 -23.25 22.99
N TYR A 199 24.55 -21.98 23.32
CA TYR A 199 24.71 -21.51 24.69
C TYR A 199 23.83 -22.29 25.68
N PHE A 200 22.55 -22.45 25.34
CA PHE A 200 21.56 -23.04 26.27
C PHE A 200 21.68 -24.56 26.32
N THR A 201 22.21 -25.15 25.26
CA THR A 201 22.49 -26.58 25.26
C THR A 201 23.55 -26.86 26.30
N GLU A 202 24.59 -26.04 26.30
CA GLU A 202 25.69 -26.18 27.25
C GLU A 202 25.24 -25.87 28.68
N MET A 203 24.31 -24.92 28.84
CA MET A 203 23.80 -24.58 30.17
C MET A 203 23.04 -25.75 30.77
N VAL A 204 22.22 -26.40 29.95
CA VAL A 204 21.49 -27.59 30.39
C VAL A 204 22.45 -28.75 30.70
N ARG A 205 23.53 -28.86 29.93
CA ARG A 205 24.54 -29.87 30.22
C ARG A 205 25.24 -29.55 31.54
N ARG A 206 25.49 -28.28 31.79
CA ARG A 206 26.16 -27.86 33.01
C ARG A 206 25.27 -28.14 34.23
N LYS A 207 23.98 -27.85 34.10
CA LYS A 207 23.01 -28.06 35.19
C LYS A 207 22.68 -29.55 35.42
N THR A 208 22.81 -30.35 34.35
CA THR A 208 22.64 -31.79 34.46
C THR A 208 23.77 -32.37 35.32
N ALA A 209 25.01 -31.91 35.08
CA ALA A 209 26.17 -32.34 35.89
C ALA A 209 26.10 -31.79 37.30
N GLU A 210 25.68 -30.55 37.43
CA GLU A 210 25.69 -29.86 38.72
C GLU A 210 24.38 -29.09 38.93
N PRO A 211 23.32 -29.79 39.35
CA PRO A 211 22.03 -29.13 39.57
C PRO A 211 22.07 -28.15 40.72
N GLY A 212 21.19 -27.14 40.66
CA GLY A 212 21.07 -26.14 41.73
C GLY A 212 19.64 -25.78 42.03
N ASP A 213 19.44 -24.69 42.78
CA ASP A 213 18.12 -24.25 43.20
C ASP A 213 17.54 -23.31 42.15
N ASP A 214 17.09 -23.88 41.05
CA ASP A 214 16.61 -23.11 39.92
C ASP A 214 15.71 -23.95 39.03
N LEU A 215 14.87 -23.27 38.26
CA LEU A 215 13.85 -23.94 37.48
C LEU A 215 14.46 -24.83 36.41
N THR A 216 15.60 -24.44 35.85
CA THR A 216 16.27 -25.28 34.85
C THR A 216 16.59 -26.67 35.43
N SER A 217 17.11 -26.68 36.64
CA SER A 217 17.46 -27.92 37.31
C SER A 217 16.20 -28.77 37.60
N ALA A 218 15.09 -28.11 37.90
CA ALA A 218 13.81 -28.79 38.17
C ALA A 218 13.20 -29.37 36.88
N LEU A 219 13.42 -28.69 35.74
CA LEU A 219 13.04 -29.21 34.42
C LEU A 219 13.84 -30.45 34.06
N ILE A 220 15.11 -30.46 34.45
CA ILE A 220 15.99 -31.58 34.15
C ILE A 220 15.62 -32.78 34.98
N TYR A 221 15.45 -32.55 36.28
CA TYR A 221 15.18 -33.63 37.24
C TYR A 221 13.79 -33.44 37.88
N ALA A 222 12.80 -34.21 37.40
CA ALA A 222 11.39 -34.06 37.86
C ALA A 222 11.00 -35.08 38.94
N THR A 223 9.84 -34.88 39.57
CA THR A 223 9.39 -35.74 40.66
N GLU A 226 7.58 -38.61 36.32
CA GLU A 226 8.06 -39.15 35.03
C GLU A 226 6.92 -39.05 34.08
N THR A 227 7.07 -39.21 32.77
CA THR A 227 8.32 -39.43 32.00
C THR A 227 9.20 -38.16 31.84
N PRO A 228 10.54 -38.30 31.94
CA PRO A 228 11.41 -37.12 31.92
C PRO A 228 11.35 -36.34 30.61
N LEU A 229 11.56 -35.05 30.69
CA LEU A 229 11.65 -34.22 29.51
C LEU A 229 12.89 -34.63 28.71
N THR A 230 12.78 -34.65 27.38
CA THR A 230 13.96 -34.86 26.56
C THR A 230 14.91 -33.66 26.70
N GLU A 231 16.17 -33.86 26.35
CA GLU A 231 17.10 -32.73 26.32
C GLU A 231 16.51 -31.59 25.47
N GLU A 232 15.98 -31.92 24.31
CA GLU A 232 15.44 -30.90 23.41
C GLU A 232 14.31 -30.11 24.09
N GLU A 233 13.45 -30.82 24.78
CA GLU A 233 12.36 -30.19 25.51
C GLU A 233 12.86 -29.25 26.59
N VAL A 234 13.86 -29.69 27.34
CA VAL A 234 14.40 -28.85 28.40
C VAL A 234 14.99 -27.57 27.81
N ILE A 235 15.82 -27.73 26.78
CA ILE A 235 16.49 -26.59 26.14
C ILE A 235 15.44 -25.67 25.53
N GLY A 236 14.43 -26.27 24.92
CA GLY A 236 13.38 -25.54 24.26
C GLY A 236 12.58 -24.68 25.23
N ASN A 237 12.14 -25.28 26.35
CA ASN A 237 11.46 -24.54 27.43
C ASN A 237 12.32 -23.43 28.02
N LEU A 238 13.61 -23.73 28.19
CA LEU A 238 14.54 -22.78 28.79
C LEU A 238 14.72 -21.56 27.90
N GLN A 239 14.90 -21.78 26.60
CA GLN A 239 15.07 -20.69 25.66
C GLN A 239 13.80 -19.83 25.62
N ALA A 240 12.65 -20.48 25.64
CA ALA A 240 11.37 -19.77 25.55
C ALA A 240 11.14 -18.92 26.78
N LEU A 241 11.41 -19.49 27.96
CA LEU A 241 11.22 -18.79 29.24
C LEU A 241 12.12 -17.57 29.40
N VAL A 242 13.40 -17.72 29.06
CA VAL A 242 14.36 -16.61 29.19
C VAL A 242 14.03 -15.48 28.19
N ALA A 243 13.81 -15.83 26.92
CA ALA A 243 13.53 -14.84 25.87
C ALA A 243 12.23 -14.07 26.15
N ALA A 244 11.15 -14.81 26.41
CA ALA A 244 9.85 -14.21 26.66
C ALA A 244 9.88 -13.40 27.97
N GLY A 245 10.51 -13.97 28.99
CA GLY A 245 10.58 -13.34 30.30
C GLY A 245 11.31 -12.01 30.29
N HIS A 246 12.34 -11.92 29.43
CA HIS A 246 13.03 -10.66 29.25
C HIS A 246 12.32 -9.69 28.32
N GLU A 247 11.97 -10.12 27.10
CA GLU A 247 11.55 -9.18 26.05
C GLU A 247 10.22 -8.52 26.35
N THR A 248 9.23 -9.29 26.77
CA THR A 248 7.92 -8.73 27.08
C THR A 248 7.97 -7.76 28.27
N THR A 249 8.72 -8.14 29.30
CA THR A 249 8.67 -7.40 30.57
C THR A 249 9.33 -6.01 30.45
N VAL A 250 10.40 -5.91 29.65
CA VAL A 250 11.03 -4.60 29.37
C VAL A 250 9.97 -3.63 28.82
N SER A 251 9.24 -4.07 27.79
CA SER A 251 8.18 -3.25 27.17
C SER A 251 7.14 -2.77 28.20
N LEU A 252 6.62 -3.71 29.01
CA LEU A 252 5.55 -3.38 29.99
C LEU A 252 5.99 -2.34 31.00
N ILE A 253 7.24 -2.41 31.45
CA ILE A 253 7.73 -1.43 32.41
C ILE A 253 7.74 -0.06 31.74
N LEU A 254 8.29 -0.02 30.52
CA LEU A 254 8.51 1.25 29.81
C LEU A 254 7.19 1.90 29.40
N THR A 255 6.27 1.10 28.86
CA THR A 255 4.96 1.65 28.44
C THR A 255 4.11 2.08 29.63
N ALA A 256 4.24 1.39 30.75
CA ALA A 256 3.50 1.77 31.96
C ALA A 256 4.01 3.15 32.47
N VAL A 257 5.33 3.34 32.46
CA VAL A 257 5.89 4.65 32.82
C VAL A 257 5.47 5.72 31.80
N ARG A 258 5.48 5.38 30.52
CA ARG A 258 5.10 6.35 29.49
C ARG A 258 3.64 6.74 29.61
N ALA A 259 2.79 5.74 29.84
CA ALA A 259 1.37 5.98 30.05
C ALA A 259 1.12 6.90 31.23
N LEU A 260 1.75 6.62 32.37
CA LEU A 260 1.45 7.35 33.59
C LEU A 260 2.02 8.77 33.52
N LEU A 261 3.21 8.92 32.94
CA LEU A 261 3.81 10.25 32.74
C LEU A 261 2.99 11.14 31.78
N SER A 262 2.31 10.52 30.82
CA SER A 262 1.49 11.30 29.88
C SER A 262 0.07 11.46 30.41
N HIS A 263 -0.25 10.82 31.53
CA HIS A 263 -1.56 10.97 32.17
C HIS A 263 -1.36 11.21 33.64
N PRO A 264 -0.77 12.38 33.99
CA PRO A 264 -0.27 12.69 35.34
C PRO A 264 -1.34 12.57 36.43
N GLU A 265 -2.59 12.84 36.06
CA GLU A 265 -3.70 12.73 37.00
C GLU A 265 -3.93 11.27 37.40
N GLN A 266 -3.60 10.35 36.49
CA GLN A 266 -3.72 8.92 36.75
C GLN A 266 -2.51 8.43 37.53
N LEU A 267 -1.34 8.96 37.21
CA LEU A 267 -0.16 8.71 38.05
C LEU A 267 -0.46 9.10 39.49
N ARG A 268 -1.08 10.27 39.69
CA ARG A 268 -1.43 10.72 41.04
C ARG A 268 -2.35 9.74 41.74
N LEU A 269 -3.35 9.23 41.01
CA LEU A 269 -4.31 8.27 41.56
C LEU A 269 -3.59 7.09 42.24
N VAL A 270 -2.60 6.51 41.54
CA VAL A 270 -1.89 5.35 42.08
C VAL A 270 -0.93 5.75 43.21
N ARG A 271 -0.24 6.87 43.03
CA ARG A 271 0.68 7.39 44.08
C ARG A 271 -0.06 7.65 45.41
N ASP A 272 -1.30 8.14 45.32
CA ASP A 272 -2.08 8.47 46.52
C ASP A 272 -2.99 7.32 47.01
N GLY A 273 -2.84 6.14 46.41
CA GLY A 273 -3.49 4.92 46.91
C GLY A 273 -4.98 4.81 46.65
N GLU A 274 -5.49 5.59 45.70
CA GLU A 274 -6.91 5.54 45.33
C GLU A 274 -7.22 4.43 44.30
N ILE A 275 -6.26 4.19 43.40
CA ILE A 275 -6.29 3.03 42.50
C ILE A 275 -5.00 2.24 42.74
N GLY A 276 -5.07 0.92 42.59
CA GLY A 276 -3.89 0.08 42.80
C GLY A 276 -2.93 0.18 41.63
N TRP A 277 -1.63 0.06 41.91
CA TRP A 277 -0.62 -0.03 40.85
C TRP A 277 -0.92 -1.21 39.96
N GLU A 278 -1.42 -2.29 40.58
CA GLU A 278 -1.82 -3.50 39.85
C GLU A 278 -2.79 -3.15 38.74
N THR A 279 -3.73 -2.26 39.04
CA THR A 279 -4.78 -1.88 38.08
C THR A 279 -4.22 -1.05 36.96
N ALA A 280 -3.29 -0.15 37.27
CA ALA A 280 -2.60 0.62 36.24
C ALA A 280 -1.81 -0.30 35.30
N ILE A 281 -1.28 -1.40 35.85
CA ILE A 281 -0.51 -2.36 35.07
C ILE A 281 -1.42 -3.12 34.11
N GLU A 282 -2.61 -3.50 34.57
CA GLU A 282 -3.57 -4.20 33.70
C GLU A 282 -4.03 -3.31 32.55
N GLU A 283 -4.26 -2.03 32.83
CA GLU A 283 -4.73 -1.13 31.80
C GLU A 283 -3.63 -0.90 30.77
N THR A 284 -2.38 -0.85 31.24
CA THR A 284 -1.22 -0.77 30.32
C THR A 284 -1.17 -1.98 29.40
N LEU A 285 -1.40 -3.16 29.97
CA LEU A 285 -1.38 -4.41 29.20
C LEU A 285 -2.46 -4.38 28.11
N ARG A 286 -3.64 -3.88 28.47
CA ARG A 286 -4.74 -3.78 27.52
C ARG A 286 -4.42 -2.78 26.41
N TRP A 287 -3.85 -1.64 26.79
CA TRP A 287 -3.80 -0.49 25.92
C TRP A 287 -2.51 -0.43 25.13
N ASP A 288 -1.37 -0.74 25.76
CA ASP A 288 -0.06 -0.53 25.15
C ASP A 288 0.89 -1.67 25.57
N GLY A 289 0.41 -2.90 25.38
CA GLY A 289 1.04 -4.09 25.94
C GLY A 289 2.23 -4.57 25.12
N PRO A 290 2.99 -5.52 25.65
CA PRO A 290 4.23 -6.02 25.07
C PRO A 290 4.08 -6.70 23.70
N VAL A 291 2.96 -7.35 23.44
CA VAL A 291 2.81 -8.09 22.18
C VAL A 291 1.97 -7.33 21.16
N ILE A 292 2.50 -7.19 19.94
CA ILE A 292 1.72 -6.60 18.83
C ILE A 292 1.05 -7.71 18.03
N HIS A 293 1.84 -8.70 17.62
CA HIS A 293 1.33 -9.86 16.89
C HIS A 293 2.00 -11.10 17.42
N LEU A 294 1.25 -12.19 17.47
CA LEU A 294 1.80 -13.47 17.84
C LEU A 294 1.68 -14.46 16.67
N LEU A 295 2.84 -14.83 16.13
CA LEU A 295 2.96 -15.87 15.11
C LEU A 295 3.17 -17.21 15.82
N MET A 296 2.55 -18.31 15.35
CA MET A 296 1.52 -18.36 14.32
C MET A 296 0.83 -19.73 14.42
N ARG A 297 -0.45 -19.77 14.08
CA ARG A 297 -1.21 -21.00 14.22
C ARG A 297 -1.70 -21.48 12.84
N PHE A 298 -1.94 -22.77 12.73
CA PHE A 298 -2.34 -23.36 11.45
C PHE A 298 -3.59 -24.26 11.56
N ALA A 299 -4.47 -24.13 10.59
CA ALA A 299 -5.70 -24.93 10.54
C ALA A 299 -5.41 -26.37 10.07
N THR A 300 -5.80 -27.36 10.89
CA THR A 300 -5.61 -28.77 10.55
C THR A 300 -6.69 -29.24 9.58
N GLU A 301 -7.81 -28.53 9.60
CA GLU A 301 -8.88 -28.70 8.63
C GLU A 301 -9.59 -27.35 8.46
N ASP A 302 -10.54 -27.28 7.53
CA ASP A 302 -11.30 -26.06 7.30
C ASP A 302 -12.09 -25.69 8.55
N ILE A 303 -12.02 -24.44 8.96
CA ILE A 303 -12.75 -23.96 10.14
C ILE A 303 -13.84 -22.99 9.73
N ASP A 304 -15.10 -23.36 9.94
CA ASP A 304 -16.24 -22.53 9.54
C ASP A 304 -16.67 -21.59 10.68
N LEU A 305 -16.68 -20.29 10.39
CA LEU A 305 -17.04 -19.29 11.40
C LEU A 305 -18.36 -18.58 11.04
N GLY A 306 -19.17 -19.23 10.22
CA GLY A 306 -20.47 -18.69 9.87
C GLY A 306 -20.42 -18.03 8.52
N ASP A 307 -19.93 -16.80 8.47
CA ASP A 307 -19.83 -16.06 7.21
C ASP A 307 -18.38 -15.97 6.73
N ALA A 308 -17.56 -16.92 7.15
CA ALA A 308 -16.14 -16.91 6.84
C ALA A 308 -15.52 -18.28 7.09
N VAL A 309 -14.52 -18.63 6.30
CA VAL A 309 -13.86 -19.95 6.42
C VAL A 309 -12.33 -19.80 6.50
N ILE A 310 -11.73 -20.29 7.59
CA ILE A 310 -10.28 -20.47 7.62
C ILE A 310 -9.96 -21.80 6.98
N PRO A 311 -9.35 -21.77 5.79
CA PRO A 311 -9.02 -22.98 5.05
C PRO A 311 -7.89 -23.77 5.69
N ARG A 312 -7.98 -25.09 5.62
CA ARG A 312 -6.91 -25.97 6.07
C ARG A 312 -5.56 -25.48 5.53
N GLY A 313 -4.55 -25.41 6.40
CA GLY A 313 -3.20 -25.06 6.00
C GLY A 313 -2.89 -23.57 6.05
N GLU A 314 -3.89 -22.77 6.39
CA GLU A 314 -3.72 -21.32 6.46
C GLU A 314 -3.10 -20.91 7.79
N GLY A 315 -2.23 -19.89 7.73
CA GLY A 315 -1.62 -19.31 8.91
C GLY A 315 -2.51 -18.29 9.60
N VAL A 316 -2.53 -18.36 10.94
CA VAL A 316 -3.37 -17.47 11.74
C VAL A 316 -2.54 -16.76 12.84
N VAL A 317 -2.61 -15.44 12.83
CA VAL A 317 -1.83 -14.58 13.70
C VAL A 317 -2.79 -13.94 14.71
N MET A 318 -2.39 -13.91 15.97
CA MET A 318 -3.17 -13.19 16.98
C MET A 318 -2.64 -11.76 17.13
N SER A 319 -3.44 -10.79 16.71
CA SER A 319 -3.02 -9.41 16.72
C SER A 319 -3.42 -8.74 18.04
N TYR A 320 -2.64 -9.04 19.07
CA TYR A 320 -3.01 -8.78 20.44
C TYR A 320 -3.19 -7.30 20.78
N ARG A 321 -2.44 -6.43 20.13
CA ARG A 321 -2.60 -5.01 20.33
C ARG A 321 -3.97 -4.52 19.80
N ALA A 322 -4.31 -4.91 18.57
CA ALA A 322 -5.63 -4.59 18.03
C ALA A 322 -6.75 -5.14 18.95
N ILE A 323 -6.57 -6.37 19.44
CA ILE A 323 -7.56 -7.00 20.31
C ILE A 323 -7.79 -6.17 21.60
N GLY A 324 -6.71 -5.58 22.11
CA GLY A 324 -6.78 -4.78 23.32
C GLY A 324 -7.59 -3.49 23.13
N ARG A 325 -7.61 -3.01 21.88
CA ARG A 325 -8.35 -1.79 21.50
C ARG A 325 -9.79 -2.10 21.06
N ASP A 326 -10.28 -3.31 21.37
CA ASP A 326 -11.61 -3.75 20.96
C ASP A 326 -12.73 -2.87 21.56
N ILE A 327 -13.40 -2.11 20.70
CA ILE A 327 -14.43 -1.17 21.16
C ILE A 327 -15.68 -1.88 21.69
N THR A 328 -15.99 -3.06 21.12
CA THR A 328 -17.12 -3.87 21.59
C THR A 328 -16.98 -4.24 23.08
N VAL A 329 -15.77 -4.63 23.48
CA VAL A 329 -15.53 -5.05 24.85
C VAL A 329 -15.25 -3.88 25.78
N HIS A 330 -14.53 -2.87 25.29
CA HIS A 330 -14.02 -1.83 26.17
C HIS A 330 -14.72 -0.49 26.04
N GLY A 331 -15.65 -0.38 25.10
CA GLY A 331 -16.41 0.85 24.92
C GLY A 331 -15.74 1.79 23.92
N ALA A 332 -16.36 2.94 23.70
CA ALA A 332 -15.97 3.86 22.62
C ALA A 332 -14.59 4.51 22.85
N ASP A 333 -14.16 4.58 24.11
CA ASP A 333 -12.89 5.21 24.44
C ASP A 333 -11.75 4.17 24.57
N ALA A 334 -11.88 3.04 23.89
CA ALA A 334 -10.90 1.94 24.01
C ALA A 334 -9.49 2.38 23.63
N ASP A 335 -9.38 3.43 22.81
CA ASP A 335 -8.09 3.97 22.41
C ASP A 335 -7.50 4.94 23.43
N ASP A 336 -8.18 5.17 24.55
CA ASP A 336 -7.62 5.99 25.63
C ASP A 336 -7.07 5.14 26.75
N PHE A 337 -6.03 5.65 27.39
CA PHE A 337 -5.50 5.06 28.60
C PHE A 337 -6.36 5.52 29.77
N ASP A 338 -7.01 4.59 30.45
CA ASP A 338 -7.84 4.95 31.62
C ASP A 338 -7.83 3.83 32.62
N ILE A 339 -7.02 4.00 33.66
CA ILE A 339 -6.83 2.97 34.67
C ILE A 339 -8.09 2.77 35.53
N THR A 340 -9.07 3.67 35.40
CA THR A 340 -10.30 3.57 36.20
C THR A 340 -11.44 2.88 35.43
N ARG A 341 -11.22 2.59 34.14
CA ARG A 341 -12.25 1.89 33.33
C ARG A 341 -12.58 0.53 33.92
N ALA A 342 -13.83 0.10 33.72
CA ALA A 342 -14.33 -1.11 34.35
C ALA A 342 -13.70 -2.38 33.75
N THR A 343 -13.26 -2.31 32.50
CA THR A 343 -12.76 -3.48 31.79
C THR A 343 -11.22 -3.53 31.76
N ALA A 344 -10.57 -2.74 32.62
CA ALA A 344 -9.09 -2.67 32.62
C ALA A 344 -8.44 -4.05 32.77
N ALA A 345 -9.06 -4.94 33.54
CA ALA A 345 -8.49 -6.24 33.84
C ALA A 345 -9.04 -7.34 32.93
N ARG A 346 -9.86 -6.97 31.95
CA ARG A 346 -10.57 -7.96 31.13
C ARG A 346 -9.89 -8.16 29.77
N HIS A 347 -8.62 -7.79 29.66
CA HIS A 347 -7.87 -8.01 28.40
C HIS A 347 -7.49 -9.46 28.25
N ILE A 348 -7.00 -9.84 27.06
CA ILE A 348 -6.33 -11.13 26.90
C ILE A 348 -4.90 -10.93 26.36
N SER A 349 -4.20 -9.94 26.91
CA SER A 349 -2.85 -9.60 26.47
C SER A 349 -1.81 -10.65 26.90
N PHE A 350 -2.20 -11.56 27.81
CA PHE A 350 -1.35 -12.71 28.18
C PHE A 350 -1.80 -13.96 27.43
N GLY A 351 -2.81 -13.80 26.58
CA GLY A 351 -3.33 -14.91 25.80
C GLY A 351 -4.52 -15.59 26.43
N HIS A 352 -4.88 -16.74 25.90
CA HIS A 352 -6.06 -17.49 26.33
C HIS A 352 -5.95 -18.93 25.88
N GLY A 353 -6.52 -19.83 26.66
CA GLY A 353 -6.49 -21.25 26.30
C GLY A 353 -5.27 -21.97 26.84
N PRO A 354 -4.94 -23.13 26.28
CA PRO A 354 -3.82 -23.95 26.76
C PRO A 354 -2.45 -23.26 26.73
N HIS A 355 -2.22 -22.38 25.75
CA HIS A 355 -0.93 -21.71 25.64
C HIS A 355 -0.87 -20.40 26.40
N ILE A 356 -1.83 -20.15 27.28
CA ILE A 356 -1.86 -18.88 28.01
C ILE A 356 -0.52 -18.70 28.71
N CYS A 357 -0.07 -17.46 28.81
CA CYS A 357 1.23 -17.18 29.39
C CYS A 357 1.41 -17.79 30.77
N PRO A 358 2.46 -18.60 30.95
CA PRO A 358 2.72 -19.20 32.24
C PRO A 358 3.40 -18.22 33.19
N GLY A 359 3.88 -17.11 32.66
CA GLY A 359 4.71 -16.17 33.44
C GLY A 359 3.98 -14.88 33.82
N ALA A 360 2.67 -14.85 33.60
CA ALA A 360 1.87 -13.67 33.84
C ALA A 360 2.05 -13.16 35.28
N ALA A 361 2.01 -14.07 36.25
CA ALA A 361 2.21 -13.68 37.64
C ALA A 361 3.59 -13.01 37.85
N LEU A 362 4.65 -13.62 37.32
CA LEU A 362 6.00 -13.03 37.45
C LEU A 362 6.01 -11.64 36.81
N ALA A 363 5.47 -11.52 35.60
CA ALA A 363 5.43 -10.23 34.89
C ALA A 363 4.75 -9.19 35.74
N ARG A 364 3.58 -9.53 36.26
CA ARG A 364 2.80 -8.63 37.09
C ARG A 364 3.53 -8.22 38.36
N LEU A 365 4.23 -9.16 38.98
CA LEU A 365 5.02 -8.91 40.19
C LEU A 365 6.24 -7.98 39.91
N GLU A 366 6.92 -8.20 38.81
CA GLU A 366 8.08 -7.36 38.51
C GLU A 366 7.61 -5.91 38.33
N ALA A 367 6.54 -5.72 37.57
CA ALA A 367 5.97 -4.40 37.37
C ALA A 367 5.45 -3.78 38.68
N ALA A 368 4.71 -4.56 39.46
CA ALA A 368 4.13 -4.07 40.73
C ALA A 368 5.20 -3.69 41.77
N ILE A 369 6.40 -4.27 41.68
CA ILE A 369 7.54 -3.80 42.51
C ILE A 369 8.31 -2.62 41.87
N ALA A 370 8.63 -2.74 40.59
CA ALA A 370 9.47 -1.77 39.91
C ALA A 370 8.82 -0.37 39.80
N LEU A 371 7.54 -0.33 39.47
CA LEU A 371 6.90 0.95 39.14
C LEU A 371 6.76 1.89 40.38
N PRO A 372 6.13 1.42 41.48
CA PRO A 372 6.13 2.22 42.71
C PRO A 372 7.53 2.56 43.24
N ALA A 373 8.45 1.61 43.20
CA ALA A 373 9.84 1.91 43.65
C ALA A 373 10.42 3.08 42.87
N LEU A 374 10.15 3.11 41.56
CA LEU A 374 10.76 4.12 40.67
C LEU A 374 10.19 5.50 40.96
N PHE A 375 8.87 5.60 41.10
CA PHE A 375 8.23 6.91 41.29
C PHE A 375 8.38 7.43 42.72
N THR A 376 8.49 6.52 43.69
CA THR A 376 8.74 6.92 45.07
C THR A 376 10.17 7.43 45.21
N ARG A 377 11.11 6.78 44.54
CA ARG A 377 12.50 7.19 44.60
C ARG A 377 12.75 8.52 43.86
N PHE A 378 12.10 8.68 42.71
CA PHE A 378 12.27 9.88 41.88
C PHE A 378 10.92 10.49 41.55
N PRO A 379 10.27 11.12 42.55
CA PRO A 379 8.91 11.62 42.39
C PRO A 379 8.76 12.70 41.31
N HIS A 380 9.85 13.38 40.97
CA HIS A 380 9.80 14.45 39.99
C HIS A 380 10.36 14.01 38.67
N LEU A 381 10.56 12.71 38.52
CA LEU A 381 10.98 12.12 37.23
C LEU A 381 10.10 12.64 36.08
N HIS A 382 10.71 13.03 34.99
CA HIS A 382 9.98 13.57 33.84
C HIS A 382 10.72 13.34 32.54
N PRO A 383 10.00 13.39 31.40
CA PRO A 383 10.65 13.16 30.09
C PRO A 383 11.56 14.30 29.68
N ALA A 384 12.68 13.97 29.05
CA ALA A 384 13.63 14.96 28.55
C ALA A 384 13.43 15.11 27.04
N LEU A 385 12.41 14.42 26.57
CA LEU A 385 12.10 14.36 25.17
C LEU A 385 10.62 14.07 25.13
N PRO A 386 9.89 14.72 24.21
CA PRO A 386 8.46 14.45 24.15
C PRO A 386 8.18 12.97 23.98
N LEU A 387 7.39 12.42 24.90
CA LEU A 387 7.10 10.98 24.93
C LEU A 387 6.61 10.45 23.59
N ASP A 388 5.79 11.25 22.91
CA ASP A 388 5.20 10.86 21.64
C ASP A 388 6.27 10.72 20.54
N GLN A 389 7.49 11.19 20.81
CA GLN A 389 8.58 11.07 19.83
C GLN A 389 9.50 9.85 20.09
N ILE A 390 9.27 9.13 21.19
CA ILE A 390 9.96 7.86 21.42
C ILE A 390 9.52 6.88 20.32
N PRO A 391 10.45 6.47 19.47
CA PRO A 391 10.10 5.57 18.39
C PRO A 391 10.19 4.10 18.82
N ASN A 392 9.46 3.25 18.13
CA ASN A 392 9.64 1.81 18.27
C ASN A 392 10.88 1.34 17.51
N LEU A 393 11.57 0.36 18.06
CA LEU A 393 12.61 -0.35 17.32
C LEU A 393 11.89 -1.14 16.22
N PRO A 394 12.59 -1.39 15.09
CA PRO A 394 11.99 -2.13 13.98
C PRO A 394 11.83 -3.61 14.31
N VAL A 395 10.92 -3.90 15.21
CA VAL A 395 10.63 -5.25 15.66
C VAL A 395 9.13 -5.42 15.49
N LEU A 396 8.75 -6.26 14.52
CA LEU A 396 7.39 -6.30 13.99
C LEU A 396 6.37 -6.86 15.02
N THR A 397 6.78 -7.86 15.77
CA THR A 397 5.86 -8.61 16.61
C THR A 397 5.79 -8.08 18.03
N GLN A 398 6.78 -7.29 18.43
CA GLN A 398 6.92 -6.88 19.82
C GLN A 398 6.83 -5.38 19.91
N ASN A 399 6.20 -4.90 20.95
CA ASN A 399 6.13 -3.46 21.23
C ASN A 399 7.42 -3.02 21.91
N ASP A 400 8.48 -2.94 21.11
CA ASP A 400 9.84 -2.73 21.60
C ASP A 400 10.26 -1.25 21.40
N LEU A 401 10.28 -0.47 22.50
CA LEU A 401 10.65 0.95 22.46
C LEU A 401 12.15 1.10 22.39
N SER A 402 12.61 2.16 21.73
CA SER A 402 14.02 2.31 21.43
C SER A 402 14.83 2.82 22.65
N HIS A 403 14.33 3.88 23.28
CA HIS A 403 15.05 4.58 24.33
C HIS A 403 14.12 5.56 24.91
N PHE A 404 14.40 5.98 26.12
CA PHE A 404 13.40 6.63 26.93
C PHE A 404 14.12 7.68 27.77
N PRO A 405 14.45 8.81 27.14
CA PRO A 405 15.19 9.88 27.80
C PRO A 405 14.38 10.57 28.93
N ILE A 406 14.92 10.57 30.14
CA ILE A 406 14.28 11.25 31.26
C ILE A 406 15.29 12.10 32.02
N HIS A 407 14.75 13.03 32.82
CA HIS A 407 15.49 13.69 33.88
C HIS A 407 14.95 13.16 35.18
N LEU A 408 15.80 13.05 36.21
CA LEU A 408 15.33 12.59 37.54
C LEU A 408 14.47 13.67 38.22
N GLY A 409 14.81 14.94 37.97
CA GLY A 409 14.08 16.07 38.50
C GLY A 409 14.51 16.51 39.89
N ARG A 410 14.14 17.74 40.25
CA ARG A 410 14.36 18.26 41.59
C ARG A 410 13.03 18.66 42.23
N CYS B 4 1.58 5.60 3.72
CA CYS B 4 1.61 4.26 3.08
C CYS B 4 3.02 3.68 3.17
N PRO B 5 3.18 2.53 3.83
CA PRO B 5 4.50 1.90 3.94
C PRO B 5 5.15 1.60 2.57
N HIS B 6 6.47 1.42 2.57
CA HIS B 6 7.22 1.11 1.36
C HIS B 6 6.73 -0.17 0.75
N SER B 7 6.40 -0.11 -0.55
CA SER B 7 6.14 -1.32 -1.34
C SER B 7 6.98 -1.26 -2.60
N ASP B 8 7.37 -2.41 -3.12
CA ASP B 8 8.14 -2.47 -4.34
C ASP B 8 7.25 -2.75 -5.55
N THR B 9 5.94 -2.82 -5.32
CA THR B 9 4.96 -2.74 -6.40
C THR B 9 4.03 -1.55 -6.19
N LEU B 10 3.92 -0.73 -7.23
CA LEU B 10 3.10 0.45 -7.18
C LEU B 10 1.72 0.10 -7.73
N THR B 11 0.72 0.15 -6.86
CA THR B 11 -0.65 -0.13 -7.25
C THR B 11 -1.32 1.12 -7.82
N ILE B 12 -1.80 1.03 -9.05
CA ILE B 12 -2.53 2.15 -9.65
C ILE B 12 -3.95 2.19 -9.07
N ASP B 13 -4.23 3.23 -8.29
CA ASP B 13 -5.53 3.40 -7.65
C ASP B 13 -6.57 3.80 -8.73
N PRO B 14 -7.59 2.95 -8.92
CA PRO B 14 -8.52 3.20 -9.99
C PRO B 14 -9.49 4.33 -9.69
N MET B 15 -9.59 4.74 -8.42
CA MET B 15 -10.44 5.88 -8.05
C MET B 15 -9.73 7.21 -8.31
N ILE B 16 -8.48 7.14 -8.74
CA ILE B 16 -7.66 8.34 -9.03
C ILE B 16 -7.66 9.34 -7.86
N THR B 17 -7.56 8.82 -6.64
CA THR B 17 -7.60 9.64 -5.42
C THR B 17 -6.37 10.52 -5.25
N ASP B 18 -5.22 10.09 -5.76
CA ASP B 18 -3.97 10.85 -5.60
C ASP B 18 -3.11 10.78 -6.86
N LEU B 19 -3.57 11.43 -7.92
CA LEU B 19 -2.87 11.39 -9.17
C LEU B 19 -1.46 11.99 -9.02
N ALA B 20 -1.37 13.15 -8.38
CA ALA B 20 -0.10 13.85 -8.23
C ALA B 20 0.92 12.99 -7.50
N GLY B 21 0.48 12.41 -6.38
CA GLY B 21 1.37 11.57 -5.59
C GLY B 21 1.80 10.33 -6.34
N GLU B 22 0.85 9.69 -7.02
CA GLU B 22 1.13 8.47 -7.76
C GLU B 22 2.11 8.75 -8.90
N THR B 23 1.85 9.84 -9.64
CA THR B 23 2.75 10.27 -10.72
C THR B 23 4.18 10.51 -10.17
N SER B 24 4.29 11.20 -9.04
CA SER B 24 5.62 11.41 -8.42
C SER B 24 6.29 10.11 -7.96
N ARG B 25 5.55 9.21 -7.30
CA ARG B 25 6.09 7.87 -6.98
C ARG B 25 6.67 7.19 -8.25
N LEU B 26 5.89 7.19 -9.32
CA LEU B 26 6.28 6.48 -10.54
C LEU B 26 7.56 7.05 -11.13
N ARG B 27 7.71 8.36 -11.06
CA ARG B 27 8.94 8.99 -11.54
C ARG B 27 10.10 8.61 -10.62
N ALA B 28 9.82 8.60 -9.32
CA ALA B 28 10.88 8.36 -8.34
C ALA B 28 11.34 6.90 -8.41
N ALA B 29 10.43 5.98 -8.74
CA ALA B 29 10.75 4.55 -8.84
C ALA B 29 11.35 4.14 -10.21
N GLY B 30 11.37 5.08 -11.15
CA GLY B 30 11.63 4.75 -12.56
C GLY B 30 13.11 4.72 -12.89
N PRO B 31 13.44 4.69 -14.20
CA PRO B 31 12.53 4.79 -15.35
C PRO B 31 11.78 3.50 -15.75
N LEU B 32 12.07 2.38 -15.08
CA LEU B 32 11.29 1.14 -15.25
C LEU B 32 10.93 0.60 -13.89
N THR B 33 9.65 0.34 -13.66
CA THR B 33 9.20 -0.08 -12.35
C THR B 33 7.95 -0.99 -12.41
N ARG B 34 7.76 -1.79 -11.36
CA ARG B 34 6.66 -2.74 -11.30
C ARG B 34 5.39 -2.04 -10.86
N ILE B 35 4.31 -2.24 -11.61
CA ILE B 35 3.00 -1.73 -11.22
C ILE B 35 2.00 -2.88 -11.09
N ASP B 36 0.94 -2.62 -10.36
CA ASP B 36 -0.18 -3.54 -10.23
C ASP B 36 -1.43 -2.83 -10.78
N LEU B 37 -2.06 -3.46 -11.79
CA LEU B 37 -3.28 -2.92 -12.40
C LEU B 37 -4.49 -3.81 -12.08
N LEU B 38 -5.25 -3.44 -11.06
CA LEU B 38 -6.41 -4.21 -10.61
C LEU B 38 -6.13 -5.74 -10.43
N GLY B 39 -4.99 -6.06 -9.79
CA GLY B 39 -4.60 -7.46 -9.52
C GLY B 39 -3.72 -8.10 -10.60
N VAL B 40 -3.32 -7.30 -11.58
CA VAL B 40 -2.54 -7.82 -12.71
C VAL B 40 -1.22 -7.08 -12.80
N PRO B 41 -0.10 -7.81 -12.75
CA PRO B 41 1.23 -7.19 -12.75
C PRO B 41 1.68 -6.75 -14.13
N ALA B 42 2.48 -5.70 -14.18
CA ALA B 42 3.07 -5.24 -15.41
C ALA B 42 4.26 -4.32 -15.08
N LEU B 43 5.09 -4.04 -16.09
CA LEU B 43 6.14 -3.04 -15.96
C LEU B 43 5.68 -1.72 -16.56
N ALA B 44 5.85 -0.64 -15.82
CA ALA B 44 5.58 0.67 -16.32
C ALA B 44 6.87 1.39 -16.70
N VAL B 45 6.91 1.92 -17.93
CA VAL B 45 7.97 2.81 -18.34
C VAL B 45 7.57 4.24 -17.94
N THR B 46 8.36 4.86 -17.06
CA THR B 46 8.07 6.17 -16.53
C THR B 46 9.10 7.23 -16.90
N GLY B 47 10.08 6.84 -17.70
CA GLY B 47 11.18 7.71 -18.08
C GLY B 47 11.23 8.01 -19.57
N HIS B 48 11.54 9.27 -19.89
CA HIS B 48 11.42 9.80 -21.25
C HIS B 48 12.32 9.09 -22.24
N THR B 49 13.62 9.03 -21.94
CA THR B 49 14.57 8.41 -22.87
C THR B 49 14.33 6.93 -23.06
N LEU B 50 14.05 6.22 -21.97
CA LEU B 50 13.77 4.79 -22.05
C LEU B 50 12.47 4.52 -22.82
N ALA B 51 11.44 5.35 -22.60
CA ALA B 51 10.21 5.25 -23.40
C ALA B 51 10.49 5.36 -24.91
N ARG B 52 11.23 6.40 -25.31
CA ARG B 52 11.59 6.58 -26.72
C ARG B 52 12.30 5.34 -27.29
N GLN B 53 13.22 4.78 -26.52
CA GLN B 53 13.94 3.59 -26.96
C GLN B 53 12.97 2.42 -27.19
N LEU B 54 12.15 2.13 -26.20
CA LEU B 54 11.29 0.95 -26.23
C LEU B 54 10.14 1.05 -27.25
N LEU B 55 9.67 2.27 -27.50
CA LEU B 55 8.59 2.50 -28.47
C LEU B 55 9.05 2.29 -29.92
N THR B 56 10.36 2.17 -30.12
CA THR B 56 10.93 1.81 -31.43
C THR B 56 11.55 0.39 -31.42
N ASP B 57 11.40 -0.32 -30.31
CA ASP B 57 11.95 -1.67 -30.15
C ASP B 57 10.98 -2.73 -30.69
N THR B 58 11.43 -3.48 -31.70
CA THR B 58 10.56 -4.42 -32.44
C THR B 58 10.25 -5.68 -31.64
N ARG B 59 10.89 -5.82 -30.48
CA ARG B 59 10.63 -6.95 -29.59
C ARG B 59 9.46 -6.67 -28.63
N LEU B 60 8.91 -5.45 -28.71
CA LEU B 60 7.71 -5.09 -27.96
C LEU B 60 6.50 -4.99 -28.91
N VAL B 61 5.51 -5.87 -28.73
CA VAL B 61 4.37 -5.90 -29.64
C VAL B 61 3.02 -5.75 -28.92
N LYS B 62 2.01 -5.34 -29.68
CA LYS B 62 0.67 -5.16 -29.17
C LYS B 62 -0.07 -6.49 -29.01
N ASP B 63 0.23 -7.46 -29.88
CA ASP B 63 -0.51 -8.73 -29.91
C ASP B 63 -0.72 -9.34 -28.53
N ILE B 64 -1.96 -9.37 -28.06
CA ILE B 64 -2.23 -9.88 -26.72
C ILE B 64 -1.78 -11.35 -26.55
N ASN B 65 -1.76 -12.12 -27.64
CA ASN B 65 -1.31 -13.54 -27.57
C ASN B 65 0.18 -13.69 -27.19
N ALA B 66 0.94 -12.60 -27.29
CA ALA B 66 2.34 -12.57 -26.84
C ALA B 66 2.45 -12.37 -25.31
N TRP B 67 1.32 -12.25 -24.62
CA TRP B 67 1.28 -12.01 -23.18
C TRP B 67 1.18 -13.29 -22.38
N SER B 68 2.18 -13.58 -21.55
CA SER B 68 2.22 -14.86 -20.85
C SER B 68 0.98 -15.06 -19.96
N LEU B 69 0.49 -13.98 -19.35
CA LEU B 69 -0.71 -14.09 -18.51
C LEU B 69 -1.98 -14.38 -19.35
N TRP B 70 -1.94 -14.03 -20.63
CA TRP B 70 -3.05 -14.32 -21.54
C TRP B 70 -2.98 -15.73 -22.04
N GLN B 71 -1.77 -16.16 -22.43
CA GLN B 71 -1.50 -17.53 -22.85
C GLN B 71 -1.98 -18.53 -21.79
N SER B 72 -1.69 -18.24 -20.53
CA SER B 72 -1.99 -19.12 -19.42
C SER B 72 -3.42 -18.98 -18.89
N GLY B 73 -4.17 -18.01 -19.39
CA GLY B 73 -5.53 -17.79 -18.94
C GLY B 73 -5.62 -17.26 -17.51
N THR B 74 -4.53 -16.66 -17.03
CA THR B 74 -4.52 -16.02 -15.72
C THR B 74 -5.29 -14.70 -15.79
N VAL B 75 -5.24 -14.03 -16.95
CA VAL B 75 -6.06 -12.87 -17.22
C VAL B 75 -7.13 -13.24 -18.26
N THR B 76 -8.37 -12.81 -18.01
CA THR B 76 -9.49 -13.12 -18.90
C THR B 76 -10.29 -11.87 -19.18
N ARG B 77 -11.43 -12.02 -19.86
CA ARG B 77 -12.31 -10.89 -20.17
C ARG B 77 -13.04 -10.34 -18.91
N GLN B 78 -12.85 -10.98 -17.76
CA GLN B 78 -13.39 -10.43 -16.50
C GLN B 78 -12.50 -9.29 -15.96
N TRP B 79 -11.29 -9.20 -16.45
CA TRP B 79 -10.42 -8.10 -16.07
C TRP B 79 -11.01 -6.79 -16.52
N PRO B 80 -11.26 -5.85 -15.57
CA PRO B 80 -11.97 -4.62 -15.95
C PRO B 80 -11.23 -3.72 -16.94
N LEU B 81 -9.93 -3.95 -17.15
CA LEU B 81 -9.16 -3.17 -18.13
C LEU B 81 -9.02 -3.88 -19.50
N ILE B 82 -9.67 -5.03 -19.65
CA ILE B 82 -9.40 -5.88 -20.78
C ILE B 82 -9.83 -5.26 -22.12
N GLY B 83 -10.90 -4.46 -22.11
CA GLY B 83 -11.39 -3.76 -23.29
C GLY B 83 -10.41 -2.74 -23.88
N MET B 84 -9.40 -2.37 -23.11
CA MET B 84 -8.39 -1.42 -23.60
C MET B 84 -7.41 -2.07 -24.56
N ILE B 85 -7.28 -3.39 -24.49
CA ILE B 85 -6.28 -4.09 -25.31
C ILE B 85 -6.80 -5.31 -26.12
N ASP B 86 -7.76 -6.06 -25.56
CA ASP B 86 -8.31 -7.21 -26.29
C ASP B 86 -9.39 -6.78 -27.26
N VAL B 87 -8.95 -6.11 -28.32
CA VAL B 87 -9.83 -5.52 -29.30
C VAL B 87 -9.48 -6.09 -30.68
N ASP B 88 -10.28 -5.73 -31.69
CA ASP B 88 -10.15 -6.31 -33.03
C ASP B 88 -8.94 -5.73 -33.78
N ARG B 89 -8.63 -6.31 -34.94
CA ARG B 89 -7.49 -5.90 -35.76
C ARG B 89 -7.66 -4.47 -36.29
N SER B 90 -6.65 -3.65 -36.05
CA SER B 90 -6.59 -2.27 -36.55
C SER B 90 -5.16 -1.83 -36.47
N MET B 91 -4.88 -0.61 -36.93
CA MET B 91 -3.56 0.01 -36.77
C MET B 91 -3.09 -0.07 -35.31
N PHE B 92 -4.04 -0.11 -34.38
CA PHE B 92 -3.75 -0.14 -32.95
C PHE B 92 -3.11 -1.46 -32.46
N THR B 93 -3.50 -2.58 -33.06
CA THR B 93 -3.09 -3.91 -32.54
C THR B 93 -1.99 -4.59 -33.38
N VAL B 94 -1.53 -3.92 -34.44
CA VAL B 94 -0.66 -4.54 -35.41
C VAL B 94 0.74 -3.94 -35.30
N ASP B 95 1.74 -4.77 -35.58
CA ASP B 95 3.13 -4.34 -35.63
C ASP B 95 3.79 -4.92 -36.87
N GLY B 96 4.84 -4.26 -37.34
CA GLY B 96 5.60 -4.76 -38.47
C GLY B 96 5.19 -4.15 -39.80
N PRO B 97 5.58 -4.80 -40.92
CA PRO B 97 5.30 -4.36 -42.29
C PRO B 97 3.81 -4.20 -42.61
N GLU B 98 2.95 -4.97 -41.94
CA GLU B 98 1.51 -4.87 -42.14
C GLU B 98 0.94 -3.59 -41.49
N HIS B 99 1.69 -3.00 -40.58
CA HIS B 99 1.19 -1.87 -39.81
C HIS B 99 0.96 -0.64 -40.67
N ARG B 100 1.93 -0.30 -41.51
CA ARG B 100 1.85 0.91 -42.35
C ARG B 100 0.59 0.92 -43.24
N ARG B 101 0.24 -0.24 -43.81
CA ARG B 101 -0.95 -0.37 -44.64
C ARG B 101 -2.20 0.08 -43.87
N LEU B 102 -2.26 -0.28 -42.61
CA LEU B 102 -3.43 -0.01 -41.80
C LEU B 102 -3.48 1.46 -41.37
N ARG B 103 -2.35 2.17 -41.55
CA ARG B 103 -2.22 3.59 -41.14
C ARG B 103 -2.29 4.61 -42.28
N ILE B 104 -1.97 4.19 -43.50
CA ILE B 104 -1.60 5.16 -44.52
C ILE B 104 -2.75 6.09 -44.95
N LYS B 105 -3.93 5.53 -45.25
CA LYS B 105 -5.06 6.38 -45.64
C LYS B 105 -5.38 7.37 -44.54
N THR B 106 -5.21 6.96 -43.27
CA THR B 106 -5.58 7.80 -42.15
C THR B 106 -4.60 8.96 -42.01
N THR B 107 -3.30 8.66 -42.05
CA THR B 107 -2.27 9.69 -41.89
C THR B 107 -2.25 10.68 -43.08
N GLN B 108 -2.55 10.18 -44.27
CA GLN B 108 -2.75 11.04 -45.43
C GLN B 108 -3.96 11.95 -45.28
N ALA B 109 -5.05 11.42 -44.72
CA ALA B 109 -6.29 12.19 -44.55
C ALA B 109 -6.17 13.25 -43.45
N LEU B 110 -5.19 13.08 -42.56
CA LEU B 110 -5.08 13.90 -41.33
C LEU B 110 -3.78 14.74 -41.26
N THR B 111 -3.14 14.96 -42.41
CA THR B 111 -2.03 15.93 -42.52
C THR B 111 -2.60 17.33 -42.24
N ARG B 112 -1.74 18.28 -41.92
CA ARG B 112 -2.18 19.67 -41.68
C ARG B 112 -2.85 20.27 -42.90
N ARG B 113 -2.33 20.00 -44.10
CA ARG B 113 -2.91 20.56 -45.33
C ARG B 113 -4.30 19.98 -45.62
N ARG B 114 -4.47 18.68 -45.41
CA ARG B 114 -5.78 18.06 -45.65
C ARG B 114 -6.83 18.57 -44.67
N LEU B 115 -6.39 18.86 -43.45
CA LEU B 115 -7.30 19.33 -42.41
C LEU B 115 -7.81 20.76 -42.62
N ASP B 116 -7.14 21.54 -43.49
CA ASP B 116 -7.62 22.89 -43.86
C ASP B 116 -9.07 22.85 -44.38
N ALA B 117 -9.41 21.78 -45.09
CA ALA B 117 -10.77 21.56 -45.54
C ALA B 117 -11.76 21.38 -44.37
N LEU B 118 -11.28 20.91 -43.23
CA LEU B 118 -12.15 20.61 -42.08
C LEU B 118 -12.31 21.83 -41.18
N LYS B 119 -11.49 22.85 -41.40
CA LYS B 119 -11.39 24.00 -40.52
C LYS B 119 -12.72 24.71 -40.36
N PRO B 120 -13.43 24.98 -41.48
CA PRO B 120 -14.74 25.63 -41.36
C PRO B 120 -15.70 24.88 -40.45
N THR B 121 -15.77 23.55 -40.61
CA THR B 121 -16.63 22.73 -39.79
C THR B 121 -16.31 22.90 -38.31
N ILE B 122 -15.03 22.83 -37.96
CA ILE B 122 -14.62 22.99 -36.56
C ILE B 122 -15.02 24.39 -36.03
N GLU B 123 -14.81 25.42 -36.86
CA GLU B 123 -15.21 26.78 -36.50
C GLU B 123 -16.71 26.88 -36.24
N ARG B 124 -17.51 26.18 -37.04
CA ARG B 124 -18.96 26.21 -36.88
C ARG B 124 -19.40 25.60 -35.56
N TYR B 125 -18.84 24.43 -35.23
CA TYR B 125 -19.17 23.73 -33.97
C TYR B 125 -18.68 24.52 -32.75
N VAL B 126 -17.50 25.11 -32.84
CA VAL B 126 -16.99 25.92 -31.75
C VAL B 126 -17.93 27.11 -31.49
N ALA B 127 -18.34 27.79 -32.55
CA ALA B 127 -19.26 28.93 -32.44
C ALA B 127 -20.63 28.50 -31.90
N GLU B 128 -21.13 27.35 -32.35
CA GLU B 128 -22.40 26.82 -31.86
C GLU B 128 -22.39 26.57 -30.34
N LEU B 129 -21.33 25.97 -29.86
CA LEU B 129 -21.23 25.56 -28.47
C LEU B 129 -20.90 26.73 -27.55
N LEU B 130 -20.16 27.72 -28.06
CA LEU B 130 -19.99 29.00 -27.37
C LEU B 130 -21.35 29.72 -27.23
N ASP B 131 -22.20 29.61 -28.26
CA ASP B 131 -23.60 30.08 -28.14
C ASP B 131 -24.37 29.35 -27.01
N ASP B 132 -24.24 28.02 -26.94
CA ASP B 132 -24.86 27.24 -25.85
C ASP B 132 -24.29 27.72 -24.51
N LEU B 133 -22.99 27.99 -24.50
CA LEU B 133 -22.32 28.48 -23.29
C LEU B 133 -22.88 29.83 -22.85
N GLU B 134 -23.13 30.71 -23.82
CA GLU B 134 -23.72 32.02 -23.49
C GLU B 134 -25.11 31.84 -22.87
N ARG B 135 -25.91 30.99 -23.48
CA ARG B 135 -27.26 30.70 -23.01
C ARG B 135 -27.28 30.11 -21.60
N ALA B 136 -26.45 29.09 -21.38
CA ALA B 136 -26.35 28.42 -20.09
C ALA B 136 -25.85 29.37 -18.99
N GLY B 137 -24.93 30.27 -19.35
CA GLY B 137 -24.28 31.14 -18.35
C GLY B 137 -24.98 32.48 -18.11
N ALA B 138 -26.19 32.64 -18.67
CA ALA B 138 -26.97 33.88 -18.52
C ALA B 138 -27.34 34.13 -17.07
N ASP B 139 -27.56 35.41 -16.75
CA ASP B 139 -27.93 35.84 -15.42
C ASP B 139 -26.96 35.32 -14.36
N GLY B 140 -25.67 35.24 -14.72
CA GLY B 140 -24.61 34.87 -13.78
C GLY B 140 -24.62 33.42 -13.28
N ALA B 141 -25.37 32.53 -13.95
CA ALA B 141 -25.51 31.14 -13.50
C ALA B 141 -24.19 30.36 -13.62
N VAL B 142 -23.99 29.41 -12.71
CA VAL B 142 -22.87 28.47 -12.85
C VAL B 142 -23.14 27.48 -13.99
N VAL B 143 -22.11 27.22 -14.78
CA VAL B 143 -22.21 26.41 -15.98
C VAL B 143 -21.11 25.34 -15.97
N ASP B 144 -21.43 24.15 -16.48
CA ASP B 144 -20.42 23.11 -16.64
C ASP B 144 -19.74 23.22 -17.99
N LEU B 145 -18.51 23.74 -18.01
CA LEU B 145 -17.76 23.89 -19.26
C LEU B 145 -17.58 22.55 -20.02
N LYS B 146 -17.53 21.43 -19.29
CA LYS B 146 -17.34 20.15 -19.93
C LYS B 146 -18.58 19.74 -20.71
N SER B 147 -19.70 19.58 -20.01
CA SER B 147 -20.94 19.11 -20.68
C SER B 147 -21.40 20.05 -21.79
N VAL B 148 -21.29 21.36 -21.58
CA VAL B 148 -21.81 22.33 -22.55
C VAL B 148 -20.87 22.52 -23.75
N PHE B 149 -19.57 22.40 -23.53
CA PHE B 149 -18.58 22.83 -24.53
C PHE B 149 -17.53 21.78 -24.88
N ALA B 150 -16.69 21.40 -23.93
CA ALA B 150 -15.52 20.56 -24.20
C ALA B 150 -15.89 19.10 -24.56
N TYR B 151 -16.91 18.56 -23.90
CA TYR B 151 -17.34 17.16 -24.11
C TYR B 151 -17.93 16.94 -25.53
N PRO B 152 -18.85 17.83 -25.99
CA PRO B 152 -19.41 17.62 -27.32
C PRO B 152 -18.49 17.99 -28.51
N LEU B 153 -17.69 19.04 -28.37
CA LEU B 153 -16.95 19.53 -29.53
C LEU B 153 -16.22 18.41 -30.28
N PRO B 154 -15.35 17.65 -29.60
CA PRO B 154 -14.53 16.67 -30.33
C PRO B 154 -15.34 15.54 -30.91
N MET B 155 -16.52 15.27 -30.36
CA MET B 155 -17.36 14.23 -30.93
C MET B 155 -17.96 14.74 -32.23
N ARG B 156 -18.46 15.97 -32.21
N ARG B 156 -18.46 15.97 -32.21
CA ARG B 156 -19.00 16.57 -33.42
CA ARG B 156 -19.01 16.55 -33.43
C ARG B 156 -17.94 16.53 -34.51
C ARG B 156 -17.94 16.54 -34.52
N VAL B 157 -16.72 16.94 -34.17
CA VAL B 157 -15.64 17.02 -35.17
C VAL B 157 -15.22 15.65 -35.69
N ILE B 158 -15.04 14.68 -34.80
CA ILE B 158 -14.58 13.38 -35.27
C ILE B 158 -15.69 12.72 -36.09
N SER B 159 -16.93 13.00 -35.71
CA SER B 159 -18.09 12.46 -36.38
C SER B 159 -18.25 13.02 -37.78
N ALA B 160 -17.97 14.31 -37.93
CA ALA B 160 -18.00 14.91 -39.27
C ALA B 160 -16.97 14.24 -40.18
N LEU B 161 -15.76 14.04 -39.66
CA LEU B 161 -14.67 13.48 -40.46
C LEU B 161 -14.98 12.05 -40.90
N MET B 162 -15.55 11.25 -39.99
CA MET B 162 -15.70 9.80 -40.22
C MET B 162 -17.08 9.43 -40.79
N GLY B 163 -18.06 10.33 -40.66
CA GLY B 163 -19.42 10.09 -41.16
C GLY B 163 -20.39 9.49 -40.15
N VAL B 164 -20.18 9.77 -38.87
CA VAL B 164 -21.15 9.42 -37.86
C VAL B 164 -22.29 10.42 -37.86
N PRO B 165 -23.52 9.95 -38.08
CA PRO B 165 -24.65 10.86 -38.17
C PRO B 165 -24.88 11.64 -36.88
N SER B 166 -25.23 12.91 -37.03
CA SER B 166 -25.59 13.77 -35.91
C SER B 166 -26.41 13.05 -34.83
N GLU B 167 -27.44 12.32 -35.26
CA GLU B 167 -28.44 11.81 -34.33
C GLU B 167 -27.93 10.60 -33.51
N ASP B 168 -26.80 10.01 -33.92
CA ASP B 168 -26.23 8.82 -33.27
C ASP B 168 -25.15 9.15 -32.25
N GLN B 169 -24.79 10.43 -32.13
CA GLN B 169 -23.61 10.80 -31.38
C GLN B 169 -23.84 10.72 -29.87
N GLU B 170 -25.04 11.05 -29.44
CA GLU B 170 -25.35 11.00 -28.04
C GLU B 170 -25.17 9.56 -27.52
N GLN B 171 -25.60 8.58 -28.31
CA GLN B 171 -25.50 7.16 -27.89
C GLN B 171 -24.04 6.73 -27.81
N LEU B 172 -23.24 7.15 -28.79
CA LEU B 172 -21.81 6.88 -28.76
C LEU B 172 -21.19 7.39 -27.44
N LEU B 173 -21.53 8.62 -27.05
CA LEU B 173 -21.00 9.22 -25.80
C LEU B 173 -21.45 8.42 -24.58
N THR B 174 -22.71 7.99 -24.58
CA THR B 174 -23.24 7.18 -23.47
C THR B 174 -22.41 5.91 -23.34
N TRP B 175 -22.11 5.27 -24.48
CA TRP B 175 -21.35 4.03 -24.49
C TRP B 175 -19.96 4.26 -24.00
N TYR B 176 -19.31 5.32 -24.48
CA TYR B 176 -17.95 5.60 -24.08
C TYR B 176 -17.83 5.82 -22.59
N LYS B 177 -18.76 6.57 -22.02
CA LYS B 177 -18.74 6.84 -20.59
C LYS B 177 -18.77 5.52 -19.79
N ALA B 178 -19.65 4.62 -20.19
CA ALA B 178 -19.76 3.31 -19.52
C ALA B 178 -18.46 2.54 -19.71
N PHE B 179 -17.95 2.56 -20.94
CA PHE B 179 -16.76 1.81 -21.30
C PHE B 179 -15.54 2.22 -20.44
N PHE B 180 -15.34 3.53 -20.27
CA PHE B 180 -14.17 4.04 -19.54
C PHE B 180 -14.30 3.98 -18.01
N SER B 181 -15.49 4.11 -17.47
CA SER B 181 -15.64 4.12 -16.00
C SER B 181 -15.28 2.77 -15.38
N ILE B 182 -14.36 2.80 -14.43
CA ILE B 182 -13.98 1.60 -13.75
C ILE B 182 -15.19 1.03 -13.00
N LEU B 183 -16.16 1.89 -12.68
CA LEU B 183 -17.32 1.48 -11.89
C LEU B 183 -18.36 0.66 -12.65
N THR B 184 -18.38 0.77 -13.98
CA THR B 184 -19.33 0.01 -14.78
C THR B 184 -19.15 -1.45 -14.45
N PRO B 185 -20.23 -2.15 -14.08
CA PRO B 185 -20.17 -3.60 -13.90
C PRO B 185 -19.58 -4.29 -15.13
N GLN B 186 -18.74 -5.30 -14.91
CA GLN B 186 -17.97 -5.91 -16.00
C GLN B 186 -18.84 -6.53 -17.05
N ASP B 187 -19.91 -7.21 -16.63
CA ASP B 187 -20.82 -7.82 -17.59
C ASP B 187 -21.50 -6.74 -18.47
N GLU B 188 -21.92 -5.64 -17.85
CA GLU B 188 -22.46 -4.51 -18.62
C GLU B 188 -21.39 -3.90 -19.55
N ARG B 189 -20.14 -3.80 -19.09
CA ARG B 189 -19.07 -3.24 -19.93
C ARG B 189 -18.84 -4.07 -21.19
N LEU B 190 -18.82 -5.39 -21.03
CA LEU B 190 -18.60 -6.30 -22.16
C LEU B 190 -19.75 -6.23 -23.18
N ARG B 191 -20.98 -6.08 -22.67
CA ARG B 191 -22.15 -5.87 -23.51
C ARG B 191 -22.04 -4.54 -24.26
N VAL B 192 -21.60 -3.49 -23.57
CA VAL B 192 -21.38 -2.19 -24.22
C VAL B 192 -20.31 -2.31 -25.31
N ILE B 193 -19.26 -3.08 -25.06
CA ILE B 193 -18.25 -3.32 -26.08
C ILE B 193 -18.88 -4.00 -27.31
N ASP B 194 -19.76 -4.97 -27.07
CA ASP B 194 -20.47 -5.65 -28.19
C ASP B 194 -21.42 -4.69 -28.92
N GLU B 195 -22.12 -3.84 -28.19
CA GLU B 195 -23.07 -2.92 -28.81
C GLU B 195 -22.33 -1.89 -29.70
N MET B 196 -21.24 -1.36 -29.19
CA MET B 196 -20.40 -0.47 -29.93
C MET B 196 -19.94 -1.10 -31.25
N HIS B 197 -19.43 -2.32 -31.17
CA HIS B 197 -18.97 -3.04 -32.36
C HIS B 197 -20.09 -3.25 -33.34
N GLY B 198 -21.26 -3.58 -32.82
CA GLY B 198 -22.48 -3.70 -33.63
C GLY B 198 -22.83 -2.42 -34.36
N TYR B 199 -22.72 -1.29 -33.68
CA TYR B 199 -23.02 -0.01 -34.30
C TYR B 199 -22.08 0.29 -35.47
N PHE B 200 -20.78 0.08 -35.26
CA PHE B 200 -19.79 0.47 -36.24
C PHE B 200 -19.73 -0.53 -37.39
N THR B 201 -20.08 -1.78 -37.11
CA THR B 201 -20.23 -2.77 -38.18
C THR B 201 -21.32 -2.33 -39.16
N GLU B 202 -22.45 -1.89 -38.62
CA GLU B 202 -23.56 -1.42 -39.44
C GLU B 202 -23.21 -0.11 -40.19
N MET B 203 -22.47 0.77 -39.54
CA MET B 203 -22.03 2.02 -40.17
C MET B 203 -21.15 1.73 -41.39
N VAL B 204 -20.22 0.79 -41.24
CA VAL B 204 -19.37 0.40 -42.35
C VAL B 204 -20.20 -0.24 -43.46
N ARG B 205 -21.19 -1.04 -43.08
CA ARG B 205 -22.07 -1.65 -44.09
C ARG B 205 -22.86 -0.56 -44.80
N ARG B 206 -23.31 0.44 -44.06
CA ARG B 206 -24.07 1.56 -44.64
C ARG B 206 -23.20 2.38 -45.60
N LYS B 207 -21.95 2.63 -45.22
CA LYS B 207 -21.02 3.40 -46.06
C LYS B 207 -20.54 2.62 -47.27
N THR B 208 -20.53 1.28 -47.15
CA THR B 208 -20.18 0.42 -48.28
C THR B 208 -21.27 0.50 -49.39
N ALA B 209 -22.53 0.52 -48.97
CA ALA B 209 -23.66 0.65 -49.91
C ALA B 209 -23.77 2.07 -50.47
N GLU B 210 -23.51 3.07 -49.64
CA GLU B 210 -23.65 4.47 -50.04
C GLU B 210 -22.48 5.30 -49.53
N PRO B 211 -21.32 5.20 -50.21
CA PRO B 211 -20.13 5.96 -49.80
C PRO B 211 -20.36 7.46 -49.82
N GLY B 212 -19.58 8.21 -49.05
CA GLY B 212 -19.66 9.66 -49.03
C GLY B 212 -18.30 10.33 -48.93
N ASP B 213 -18.30 11.64 -48.66
CA ASP B 213 -17.04 12.40 -48.52
C ASP B 213 -16.58 12.35 -47.05
N ASP B 214 -16.00 11.22 -46.67
CA ASP B 214 -15.58 11.00 -45.30
C ASP B 214 -14.53 9.90 -45.25
N LEU B 215 -13.74 9.91 -44.20
CA LEU B 215 -12.60 9.01 -44.09
C LEU B 215 -13.05 7.52 -44.07
N THR B 216 -14.20 7.24 -43.47
CA THR B 216 -14.69 5.86 -43.43
C THR B 216 -14.88 5.30 -44.83
N SER B 217 -15.42 6.13 -45.72
CA SER B 217 -15.63 5.71 -47.11
C SER B 217 -14.29 5.52 -47.85
N ALA B 218 -13.29 6.32 -47.48
CA ALA B 218 -11.96 6.20 -48.08
C ALA B 218 -11.23 4.94 -47.58
N LEU B 219 -11.47 4.56 -46.32
CA LEU B 219 -10.96 3.29 -45.77
C LEU B 219 -11.58 2.09 -46.51
N ILE B 220 -12.85 2.22 -46.84
CA ILE B 220 -13.59 1.13 -47.47
C ILE B 220 -13.11 0.94 -48.91
N TYR B 221 -13.02 2.04 -49.65
CA TYR B 221 -12.65 2.05 -51.07
C TYR B 221 -11.31 2.79 -51.28
N ALA B 222 -10.23 2.02 -51.49
CA ALA B 222 -8.88 2.62 -51.61
C ALA B 222 -8.47 2.91 -53.07
N THR B 223 -7.37 3.65 -53.24
CA THR B 223 -6.91 4.10 -54.56
C THR B 223 -7.00 3.01 -55.61
N GLY B 225 -4.35 -0.73 -56.43
CA GLY B 225 -4.94 -1.11 -55.14
C GLY B 225 -4.57 -0.15 -54.02
N GLU B 226 -3.79 -0.63 -53.04
CA GLU B 226 -3.29 -2.00 -53.03
C GLU B 226 -4.28 -2.85 -52.38
N THR B 227 -3.88 -3.90 -51.69
CA THR B 227 -4.88 -4.83 -51.21
C THR B 227 -5.91 -4.09 -50.29
N PRO B 228 -7.22 -4.28 -50.56
CA PRO B 228 -8.25 -3.59 -49.76
C PRO B 228 -8.20 -3.99 -48.30
N LEU B 229 -8.66 -3.10 -47.42
CA LEU B 229 -8.78 -3.44 -46.01
C LEU B 229 -9.90 -4.45 -45.84
N THR B 230 -9.73 -5.40 -44.95
CA THR B 230 -10.80 -6.31 -44.60
C THR B 230 -11.88 -5.51 -43.88
N GLU B 231 -13.09 -6.05 -43.84
CA GLU B 231 -14.15 -5.43 -43.07
C GLU B 231 -13.70 -5.20 -41.62
N GLU B 232 -13.09 -6.22 -41.01
CA GLU B 232 -12.64 -6.12 -39.63
C GLU B 232 -11.65 -4.96 -39.46
N GLU B 233 -10.73 -4.83 -40.40
CA GLU B 233 -9.74 -3.74 -40.37
C GLU B 233 -10.38 -2.35 -40.49
N VAL B 234 -11.38 -2.22 -41.35
CA VAL B 234 -12.08 -0.94 -41.48
C VAL B 234 -12.81 -0.58 -40.19
N ILE B 235 -13.58 -1.55 -39.68
CA ILE B 235 -14.34 -1.36 -38.47
C ILE B 235 -13.38 -1.04 -37.33
N GLY B 236 -12.28 -1.76 -37.26
CA GLY B 236 -11.31 -1.59 -36.21
C GLY B 236 -10.70 -0.20 -36.20
N ASN B 237 -10.22 0.24 -37.37
CA ASN B 237 -9.69 1.59 -37.52
C ASN B 237 -10.73 2.65 -37.22
N LEU B 238 -11.97 2.41 -37.64
CA LEU B 238 -13.06 3.36 -37.41
C LEU B 238 -13.33 3.52 -35.92
N GLN B 239 -13.43 2.41 -35.19
CA GLN B 239 -13.69 2.46 -33.77
C GLN B 239 -12.56 3.17 -33.04
N ALA B 240 -11.33 2.88 -33.44
CA ALA B 240 -10.16 3.39 -32.76
C ALA B 240 -10.08 4.89 -32.93
N LEU B 241 -10.35 5.36 -34.16
CA LEU B 241 -10.29 6.79 -34.49
C LEU B 241 -11.38 7.58 -33.77
N VAL B 242 -12.61 7.05 -33.73
CA VAL B 242 -13.71 7.79 -33.13
C VAL B 242 -13.53 7.87 -31.59
N ALA B 243 -13.24 6.73 -30.95
CA ALA B 243 -13.02 6.70 -29.50
C ALA B 243 -11.82 7.57 -29.07
N ALA B 244 -10.67 7.41 -29.74
CA ALA B 244 -9.49 8.19 -29.40
C ALA B 244 -9.74 9.67 -29.69
N GLY B 245 -10.32 9.95 -30.85
CA GLY B 245 -10.53 11.32 -31.29
C GLY B 245 -11.41 12.11 -30.34
N HIS B 246 -12.43 11.46 -29.79
CA HIS B 246 -13.24 12.10 -28.79
C HIS B 246 -12.59 12.18 -27.41
N GLU B 247 -12.17 11.05 -26.86
CA GLU B 247 -11.84 10.96 -25.43
C GLU B 247 -10.65 11.82 -25.04
N THR B 248 -9.57 11.74 -25.81
CA THR B 248 -8.33 12.48 -25.52
C THR B 248 -8.56 13.98 -25.63
N THR B 249 -9.23 14.40 -26.70
CA THR B 249 -9.40 15.82 -27.01
C THR B 249 -10.26 16.57 -25.95
N VAL B 250 -11.31 15.92 -25.43
CA VAL B 250 -12.09 16.48 -24.31
C VAL B 250 -11.16 16.90 -23.16
N SER B 251 -10.28 15.99 -22.76
CA SER B 251 -9.31 16.24 -21.68
C SER B 251 -8.39 17.41 -21.97
N LEU B 252 -7.80 17.42 -23.17
CA LEU B 252 -6.85 18.46 -23.52
C LEU B 252 -7.47 19.85 -23.47
N ILE B 253 -8.71 19.99 -23.90
CA ILE B 253 -9.37 21.29 -23.86
C ILE B 253 -9.58 21.71 -22.41
N LEU B 254 -10.05 20.79 -21.58
CA LEU B 254 -10.37 21.10 -20.19
C LEU B 254 -9.13 21.40 -19.40
N THR B 255 -8.09 20.57 -19.54
CA THR B 255 -6.84 20.78 -18.77
C THR B 255 -6.13 22.06 -19.18
N ALA B 256 -6.20 22.41 -20.47
CA ALA B 256 -5.61 23.65 -20.98
C ALA B 256 -6.28 24.87 -20.35
N VAL B 257 -7.61 24.86 -20.35
CA VAL B 257 -8.38 25.93 -19.73
C VAL B 257 -8.10 26.00 -18.23
N ARG B 258 -7.99 24.84 -17.57
CA ARG B 258 -7.70 24.80 -16.13
C ARG B 258 -6.32 25.36 -15.85
N ALA B 259 -5.34 24.93 -16.64
CA ALA B 259 -3.97 25.40 -16.52
C ALA B 259 -3.92 26.92 -16.67
N LEU B 260 -4.58 27.44 -17.69
CA LEU B 260 -4.42 28.86 -18.01
C LEU B 260 -5.16 29.72 -17.00
N LEU B 261 -6.32 29.24 -16.54
CA LEU B 261 -7.08 29.93 -15.49
C LEU B 261 -6.36 29.95 -14.12
N SER B 262 -5.56 28.93 -13.83
CA SER B 262 -4.81 28.90 -12.59
C SER B 262 -3.44 29.53 -12.72
N HIS B 263 -3.08 29.95 -13.94
CA HIS B 263 -1.84 30.69 -14.15
C HIS B 263 -2.15 31.88 -15.02
N PRO B 264 -2.95 32.82 -14.47
CA PRO B 264 -3.53 33.96 -15.20
C PRO B 264 -2.50 34.79 -15.97
N GLU B 265 -1.28 34.90 -15.42
CA GLU B 265 -0.20 35.62 -16.09
C GLU B 265 0.19 34.95 -17.41
N GLN B 266 0.05 33.62 -17.46
CA GLN B 266 0.38 32.87 -18.67
C GLN B 266 -0.78 32.96 -19.66
N LEU B 267 -2.00 32.96 -19.15
CA LEU B 267 -3.15 33.26 -19.98
C LEU B 267 -2.97 34.63 -20.68
N ARG B 268 -2.48 35.62 -19.95
CA ARG B 268 -2.27 36.95 -20.53
C ARG B 268 -1.23 36.88 -21.68
N LEU B 269 -0.15 36.14 -21.43
CA LEU B 269 0.89 35.95 -22.42
C LEU B 269 0.32 35.56 -23.78
N VAL B 270 -0.58 34.56 -23.80
CA VAL B 270 -1.13 34.08 -25.06
C VAL B 270 -2.18 35.04 -25.63
N ARG B 271 -3.00 35.63 -24.77
N ARG B 271 -3.01 35.61 -24.76
CA ARG B 271 -3.99 36.60 -25.22
CA ARG B 271 -3.98 36.62 -25.17
C ARG B 271 -3.32 37.83 -25.85
C ARG B 271 -3.29 37.79 -25.88
N ASP B 272 -2.18 38.26 -25.31
CA ASP B 272 -1.50 39.47 -25.84
C ASP B 272 -0.45 39.13 -26.91
N GLY B 273 -0.43 37.87 -27.36
CA GLY B 273 0.34 37.49 -28.54
C GLY B 273 1.84 37.39 -28.30
N GLU B 274 2.24 37.24 -27.04
CA GLU B 274 3.65 37.14 -26.70
C GLU B 274 4.14 35.68 -26.73
N ILE B 275 3.22 34.76 -26.42
CA ILE B 275 3.44 33.33 -26.64
C ILE B 275 2.27 32.79 -27.46
N GLY B 276 2.51 31.77 -28.26
CA GLY B 276 1.46 31.23 -29.12
C GLY B 276 0.51 30.33 -28.32
N TRP B 277 -0.75 30.28 -28.73
CA TRP B 277 -1.68 29.33 -28.16
C TRP B 277 -1.19 27.95 -28.41
N GLU B 278 -0.56 27.77 -29.57
CA GLU B 278 0.02 26.48 -29.94
C GLU B 278 1.00 25.98 -28.85
N THR B 279 1.81 26.90 -28.33
CA THR B 279 2.84 26.58 -27.33
C THR B 279 2.21 26.28 -25.97
N ALA B 280 1.19 27.04 -25.59
CA ALA B 280 0.40 26.75 -24.38
C ALA B 280 -0.19 25.34 -24.45
N ILE B 281 -0.63 24.95 -25.64
CA ILE B 281 -1.22 23.64 -25.86
C ILE B 281 -0.17 22.53 -25.72
N GLU B 282 1.06 22.78 -26.16
CA GLU B 282 2.11 21.78 -26.06
C GLU B 282 2.53 21.57 -24.62
N GLU B 283 2.60 22.67 -23.86
CA GLU B 283 2.97 22.58 -22.45
C GLU B 283 1.89 21.85 -21.67
N THR B 284 0.63 22.04 -22.07
CA THR B 284 -0.48 21.33 -21.44
C THR B 284 -0.33 19.83 -21.70
N LEU B 285 0.03 19.48 -22.92
CA LEU B 285 0.21 18.08 -23.28
C LEU B 285 1.33 17.45 -22.43
N ARG B 286 2.41 18.19 -22.22
CA ARG B 286 3.55 17.71 -21.43
C ARG B 286 3.18 17.53 -19.95
N TRP B 287 2.44 18.51 -19.43
CA TRP B 287 2.24 18.67 -18.01
C TRP B 287 1.00 17.95 -17.49
N ASP B 288 -0.09 18.04 -18.25
CA ASP B 288 -1.40 17.58 -17.76
C ASP B 288 -2.19 16.97 -18.92
N GLY B 289 -1.53 16.07 -19.64
CA GLY B 289 -2.04 15.59 -20.92
C GLY B 289 -3.14 14.54 -20.80
N PRO B 290 -3.77 14.21 -21.93
CA PRO B 290 -4.91 13.33 -21.96
C PRO B 290 -4.62 11.90 -21.51
N VAL B 291 -3.41 11.41 -21.72
CA VAL B 291 -3.11 10.02 -21.36
C VAL B 291 -2.37 9.91 -20.03
N ILE B 292 -2.81 8.98 -19.18
CA ILE B 292 -2.09 8.67 -17.95
C ILE B 292 -1.24 7.43 -18.14
N HIS B 293 -1.88 6.34 -18.60
CA HIS B 293 -1.17 5.09 -18.93
C HIS B 293 -1.68 4.55 -20.22
N LEU B 294 -0.78 3.96 -21.01
CA LEU B 294 -1.17 3.30 -22.24
C LEU B 294 -0.85 1.80 -22.14
N LEU B 295 -1.92 1.01 -22.12
CA LEU B 295 -1.87 -0.46 -22.20
C LEU B 295 -1.96 -0.91 -23.67
N MET B 296 -1.16 -1.88 -24.11
CA MET B 296 -0.08 -2.51 -23.36
C MET B 296 0.78 -3.25 -24.38
N ARG B 297 2.06 -3.38 -24.08
CA ARG B 297 3.00 -4.01 -25.01
C ARG B 297 3.64 -5.23 -24.40
N PHE B 298 4.05 -6.17 -25.24
CA PHE B 298 4.57 -7.45 -24.74
C PHE B 298 5.91 -7.84 -25.39
N ALA B 299 6.81 -8.38 -24.58
CA ALA B 299 8.13 -8.77 -25.03
C ALA B 299 8.09 -10.12 -25.78
N THR B 300 8.52 -10.13 -27.04
CA THR B 300 8.57 -11.37 -27.83
C THR B 300 9.76 -12.24 -27.41
N GLU B 301 10.76 -11.60 -26.81
CA GLU B 301 11.89 -12.29 -26.20
C GLU B 301 12.45 -11.40 -25.09
N ASP B 302 13.45 -11.90 -24.37
CA ASP B 302 14.06 -11.13 -23.29
C ASP B 302 14.69 -9.88 -23.86
N ILE B 303 14.45 -8.76 -23.21
CA ILE B 303 15.04 -7.48 -23.62
C ILE B 303 16.00 -6.98 -22.54
N ASP B 304 17.30 -6.94 -22.86
CA ASP B 304 18.34 -6.53 -21.92
C ASP B 304 18.59 -5.02 -22.01
N LEU B 305 18.48 -4.33 -20.89
CA LEU B 305 18.67 -2.89 -20.86
C LEU B 305 19.85 -2.50 -19.99
N GLY B 306 20.79 -3.41 -19.82
CA GLY B 306 22.01 -3.14 -19.08
C GLY B 306 21.93 -3.69 -17.68
N ASP B 307 21.28 -2.94 -16.80
CA ASP B 307 21.11 -3.35 -15.40
C ASP B 307 19.67 -3.81 -15.11
N ALA B 308 18.98 -4.27 -16.15
CA ALA B 308 17.56 -4.65 -16.04
C ALA B 308 17.15 -5.48 -17.26
N VAL B 309 16.24 -6.42 -17.04
CA VAL B 309 15.78 -7.33 -18.09
C VAL B 309 14.24 -7.41 -18.09
N ILE B 310 13.63 -7.04 -19.23
CA ILE B 310 12.22 -7.30 -19.46
C ILE B 310 12.10 -8.69 -20.04
N PRO B 311 11.54 -9.64 -19.26
CA PRO B 311 11.42 -11.04 -19.65
C PRO B 311 10.35 -11.28 -20.70
N ARG B 312 10.64 -12.18 -21.63
CA ARG B 312 9.68 -12.59 -22.63
C ARG B 312 8.31 -12.81 -21.99
N GLY B 313 7.28 -12.25 -22.62
CA GLY B 313 5.90 -12.46 -22.18
C GLY B 313 5.39 -11.43 -21.17
N GLU B 314 6.26 -10.54 -20.72
CA GLU B 314 5.90 -9.53 -19.73
C GLU B 314 5.16 -8.36 -20.36
N GLY B 315 4.17 -7.82 -19.63
CA GLY B 315 3.43 -6.66 -20.07
C GLY B 315 4.16 -5.35 -19.78
N VAL B 316 4.15 -4.44 -20.74
CA VAL B 316 4.81 -3.15 -20.60
C VAL B 316 3.85 -1.99 -20.88
N VAL B 317 3.73 -1.10 -19.89
CA VAL B 317 2.82 0.02 -19.92
C VAL B 317 3.64 1.30 -20.12
N MET B 318 3.16 2.19 -20.98
CA MET B 318 3.78 3.51 -21.13
C MET B 318 3.05 4.50 -20.22
N SER B 319 3.75 5.01 -19.21
CA SER B 319 3.13 5.89 -18.23
C SER B 319 3.35 7.34 -18.61
N TYR B 320 2.59 7.77 -19.61
CA TYR B 320 2.86 9.01 -20.34
C TYR B 320 2.84 10.27 -19.48
N ARG B 321 2.00 10.29 -18.46
CA ARG B 321 1.93 11.43 -17.56
C ARG B 321 3.24 11.53 -16.74
N ALA B 322 3.67 10.41 -16.16
CA ALA B 322 4.95 10.37 -15.46
C ALA B 322 6.06 10.85 -16.38
N ILE B 323 6.06 10.37 -17.62
CA ILE B 323 7.10 10.68 -18.60
C ILE B 323 7.15 12.17 -18.89
N GLY B 324 5.99 12.81 -18.92
CA GLY B 324 5.93 14.26 -19.17
C GLY B 324 6.53 15.09 -18.04
N ARG B 325 6.52 14.51 -16.82
CA ARG B 325 7.11 15.14 -15.64
C ARG B 325 8.62 14.79 -15.47
N ASP B 326 9.26 14.29 -16.53
CA ASP B 326 10.67 13.88 -16.48
C ASP B 326 11.60 15.07 -16.18
N ILE B 327 12.21 15.04 -15.01
CA ILE B 327 13.08 16.15 -14.57
C ILE B 327 14.40 16.20 -15.37
N THR B 328 14.89 15.03 -15.79
CA THR B 328 16.09 14.95 -16.64
C THR B 328 15.95 15.76 -17.91
N VAL B 329 14.79 15.67 -18.55
CA VAL B 329 14.54 16.34 -19.83
C VAL B 329 14.09 17.78 -19.61
N HIS B 330 13.23 18.00 -18.62
CA HIS B 330 12.53 19.26 -18.49
C HIS B 330 13.04 20.16 -17.40
N GLY B 331 13.91 19.63 -16.55
CA GLY B 331 14.53 20.44 -15.50
C GLY B 331 13.80 20.32 -14.18
N ALA B 332 14.34 20.99 -13.17
CA ALA B 332 13.88 20.81 -11.79
C ALA B 332 12.41 21.15 -11.61
N ASP B 333 11.89 22.09 -12.42
CA ASP B 333 10.51 22.58 -12.25
C ASP B 333 9.51 21.84 -13.17
N ALA B 334 9.82 20.59 -13.52
CA ALA B 334 9.01 19.82 -14.46
C ALA B 334 7.55 19.70 -14.00
N ASP B 335 7.33 19.82 -12.68
CA ASP B 335 6.00 19.69 -12.11
C ASP B 335 5.23 21.03 -12.16
N ASP B 336 5.84 22.08 -12.71
CA ASP B 336 5.15 23.35 -12.87
C ASP B 336 4.66 23.52 -14.31
N PHE B 337 3.52 24.17 -14.45
CA PHE B 337 3.04 24.61 -15.76
C PHE B 337 3.76 25.91 -16.13
N ASP B 338 4.53 25.87 -17.21
CA ASP B 338 5.24 27.05 -17.70
C ASP B 338 5.33 27.02 -19.24
N ILE B 339 4.44 27.77 -19.89
CA ILE B 339 4.35 27.79 -21.36
C ILE B 339 5.59 28.44 -22.01
N THR B 340 6.43 29.07 -21.20
CA THR B 340 7.63 29.71 -21.68
C THR B 340 8.86 28.81 -21.61
N ARG B 341 8.76 27.67 -20.93
CA ARG B 341 9.91 26.75 -20.80
C ARG B 341 10.38 26.29 -22.17
N ALA B 342 11.69 26.01 -22.26
CA ALA B 342 12.34 25.70 -23.54
C ALA B 342 11.95 24.32 -24.07
N THR B 343 11.53 23.43 -23.16
CA THR B 343 11.22 22.05 -23.55
C THR B 343 9.71 21.80 -23.69
N ALA B 344 8.94 22.88 -23.78
CA ALA B 344 7.48 22.78 -23.82
C ALA B 344 6.99 21.86 -24.95
N ALA B 345 7.68 21.90 -26.09
CA ALA B 345 7.30 21.12 -27.28
C ALA B 345 8.12 19.83 -27.42
N ARG B 346 8.88 19.45 -26.40
CA ARG B 346 9.73 18.26 -26.49
C ARG B 346 9.16 17.03 -25.75
N HIS B 347 7.85 17.02 -25.51
CA HIS B 347 7.18 15.88 -24.87
C HIS B 347 6.96 14.78 -25.86
N ILE B 348 6.63 13.58 -25.36
CA ILE B 348 6.15 12.50 -26.23
C ILE B 348 4.71 12.09 -25.82
N SER B 349 3.88 13.07 -25.53
CA SER B 349 2.54 12.82 -25.07
C SER B 349 1.63 12.27 -26.21
N PHE B 350 2.07 12.38 -27.46
CA PHE B 350 1.38 11.73 -28.59
C PHE B 350 2.01 10.37 -28.92
N GLY B 351 3.02 9.97 -28.15
CA GLY B 351 3.73 8.73 -28.42
C GLY B 351 4.95 8.93 -29.28
N HIS B 352 5.50 7.81 -29.75
CA HIS B 352 6.75 7.80 -30.51
C HIS B 352 6.86 6.48 -31.24
N GLY B 353 7.53 6.48 -32.37
CA GLY B 353 7.69 5.24 -33.14
C GLY B 353 6.57 5.01 -34.11
N PRO B 354 6.43 3.76 -34.60
CA PRO B 354 5.40 3.42 -35.60
C PRO B 354 3.96 3.73 -35.16
N HIS B 355 3.64 3.56 -33.88
CA HIS B 355 2.26 3.75 -33.40
C HIS B 355 1.95 5.18 -33.00
N ILE B 356 2.84 6.12 -33.34
CA ILE B 356 2.66 7.50 -32.92
C ILE B 356 1.28 7.97 -33.36
N CYS B 357 0.64 8.79 -32.54
CA CYS B 357 -0.70 9.24 -32.81
C CYS B 357 -0.85 9.83 -34.21
N PRO B 358 -1.75 9.25 -35.02
CA PRO B 358 -2.01 9.75 -36.36
C PRO B 358 -2.88 11.00 -36.36
N GLY B 359 -3.52 11.28 -35.23
CA GLY B 359 -4.44 12.39 -35.15
C GLY B 359 -3.93 13.60 -34.41
N ALA B 360 -2.61 13.69 -34.18
CA ALA B 360 -2.04 14.82 -33.40
C ALA B 360 -2.40 16.16 -34.04
N ALA B 361 -2.24 16.28 -35.36
CA ALA B 361 -2.54 17.55 -36.05
C ALA B 361 -4.02 17.96 -35.88
N LEU B 362 -4.94 17.01 -35.95
CA LEU B 362 -6.35 17.32 -35.69
C LEU B 362 -6.56 17.76 -34.24
N ALA B 363 -5.97 17.04 -33.30
CA ALA B 363 -6.10 17.39 -31.89
C ALA B 363 -5.57 18.80 -31.62
N ARG B 364 -4.36 19.08 -32.13
CA ARG B 364 -3.75 20.40 -32.00
C ARG B 364 -4.60 21.49 -32.64
N LEU B 365 -5.17 21.20 -33.82
CA LEU B 365 -6.05 22.15 -34.52
C LEU B 365 -7.34 22.44 -33.72
N GLU B 366 -7.95 21.40 -33.17
CA GLU B 366 -9.18 21.62 -32.43
C GLU B 366 -8.95 22.54 -31.23
N ALA B 367 -7.88 22.28 -30.50
CA ALA B 367 -7.49 23.10 -29.36
C ALA B 367 -7.11 24.54 -29.80
N ALA B 368 -6.32 24.66 -30.87
CA ALA B 368 -5.84 25.98 -31.34
C ALA B 368 -7.00 26.87 -31.81
N ILE B 369 -8.10 26.24 -32.24
CA ILE B 369 -9.31 27.00 -32.57
C ILE B 369 -10.16 27.27 -31.31
N ALA B 370 -10.43 26.21 -30.54
CA ALA B 370 -11.38 26.29 -29.44
C ALA B 370 -10.94 27.21 -28.30
N LEU B 371 -9.66 27.16 -27.96
CA LEU B 371 -9.16 27.89 -26.78
C LEU B 371 -9.20 29.44 -26.95
N PRO B 372 -8.57 29.99 -28.01
CA PRO B 372 -8.72 31.43 -28.25
C PRO B 372 -10.18 31.89 -28.47
N ALA B 373 -10.96 31.11 -29.18
CA ALA B 373 -12.38 31.45 -29.37
C ALA B 373 -13.08 31.60 -28.02
N LEU B 374 -12.77 30.71 -27.09
CA LEU B 374 -13.45 30.66 -25.79
C LEU B 374 -13.09 31.88 -24.94
N PHE B 375 -11.80 32.21 -24.89
CA PHE B 375 -11.34 33.33 -24.04
C PHE B 375 -11.64 34.68 -24.66
N THR B 376 -11.68 34.76 -25.98
CA THR B 376 -12.01 36.01 -26.66
C THR B 376 -13.49 36.31 -26.49
N ARG B 377 -14.31 35.26 -26.57
CA ARG B 377 -15.74 35.41 -26.41
C ARG B 377 -16.08 35.73 -24.96
N PHE B 378 -15.43 35.04 -24.01
CA PHE B 378 -15.73 35.25 -22.58
C PHE B 378 -14.43 35.60 -21.83
N PRO B 379 -13.95 36.83 -22.02
CA PRO B 379 -12.68 37.25 -21.45
C PRO B 379 -12.65 37.23 -19.91
N HIS B 380 -13.81 37.30 -19.26
CA HIS B 380 -13.88 37.32 -17.79
C HIS B 380 -14.28 35.97 -17.22
N LEU B 381 -14.28 34.95 -18.08
CA LEU B 381 -14.52 33.57 -17.65
C LEU B 381 -13.66 33.20 -16.44
N HIS B 382 -14.27 32.59 -15.43
CA HIS B 382 -13.57 32.23 -14.19
C HIS B 382 -14.24 31.04 -13.51
N PRO B 383 -13.51 30.36 -12.62
CA PRO B 383 -14.06 29.18 -11.96
C PRO B 383 -15.10 29.55 -10.90
N ALA B 384 -16.16 28.75 -10.80
CA ALA B 384 -17.21 28.93 -9.76
C ALA B 384 -16.97 27.93 -8.63
N LEU B 385 -15.85 27.21 -8.76
CA LEU B 385 -15.43 26.20 -7.82
C LEU B 385 -13.89 26.16 -7.90
N PRO B 386 -13.21 26.06 -6.75
CA PRO B 386 -11.76 26.04 -6.80
C PRO B 386 -11.26 24.95 -7.73
N LEU B 387 -10.47 25.34 -8.73
CA LEU B 387 -10.03 24.41 -9.76
C LEU B 387 -9.43 23.12 -9.17
N ASP B 388 -8.67 23.27 -8.08
CA ASP B 388 -7.97 22.15 -7.46
C ASP B 388 -8.94 21.13 -6.87
N GLN B 389 -10.22 21.48 -6.79
CA GLN B 389 -11.25 20.55 -6.29
C GLN B 389 -12.02 19.85 -7.42
N ILE B 390 -11.70 20.15 -8.67
CA ILE B 390 -12.24 19.36 -9.78
C ILE B 390 -11.63 17.95 -9.70
N PRO B 391 -12.47 16.95 -9.48
CA PRO B 391 -11.94 15.60 -9.37
C PRO B 391 -11.85 14.92 -10.73
N ASN B 392 -11.01 13.91 -10.83
CA ASN B 392 -11.02 13.02 -11.97
C ASN B 392 -12.13 12.02 -11.85
N LEU B 393 -12.70 11.66 -12.99
CA LEU B 393 -13.57 10.50 -13.06
C LEU B 393 -12.71 9.26 -12.80
N PRO B 394 -13.32 8.18 -12.27
CA PRO B 394 -12.59 6.92 -12.05
C PRO B 394 -12.27 6.21 -13.36
N VAL B 395 -11.34 6.78 -14.12
CA VAL B 395 -10.88 6.21 -15.38
C VAL B 395 -9.37 6.13 -15.26
N LEU B 396 -8.86 4.91 -15.25
CA LEU B 396 -7.51 4.64 -14.77
C LEU B 396 -6.44 5.13 -15.75
N THR B 397 -6.72 4.99 -17.05
CA THR B 397 -5.74 5.19 -18.12
C THR B 397 -5.80 6.56 -18.72
N GLN B 398 -6.93 7.25 -18.52
CA GLN B 398 -7.19 8.52 -19.18
C GLN B 398 -7.35 9.63 -18.16
N ASN B 399 -6.86 10.82 -18.50
CA ASN B 399 -6.98 12.00 -17.65
C ASN B 399 -8.35 12.65 -17.86
N ASP B 400 -9.36 11.99 -17.29
CA ASP B 400 -10.75 12.31 -17.57
C ASP B 400 -11.32 13.14 -16.40
N LEU B 401 -11.47 14.45 -16.62
CA LEU B 401 -12.05 15.34 -15.59
C LEU B 401 -13.58 15.20 -15.52
N SER B 402 -14.13 15.38 -14.33
CA SER B 402 -15.54 15.08 -14.06
C SER B 402 -16.49 16.21 -14.54
N HIS B 403 -16.17 17.44 -14.18
CA HIS B 403 -17.00 18.59 -14.44
C HIS B 403 -16.25 19.82 -14.05
N PHE B 404 -16.63 20.93 -14.63
CA PHE B 404 -15.77 22.08 -14.65
C PHE B 404 -16.65 23.31 -14.49
N PRO B 405 -17.03 23.63 -13.25
CA PRO B 405 -17.96 24.72 -13.01
C PRO B 405 -17.35 26.12 -13.23
N ILE B 406 -17.97 26.92 -14.09
CA ILE B 406 -17.47 28.27 -14.33
C ILE B 406 -18.58 29.31 -14.33
N HIS B 407 -18.18 30.56 -14.18
CA HIS B 407 -19.04 31.68 -14.51
C HIS B 407 -18.48 32.31 -15.75
N LEU B 408 -19.35 32.83 -16.62
CA LEU B 408 -18.90 33.56 -17.81
C LEU B 408 -18.26 34.89 -17.43
N GLY B 409 -18.79 35.54 -16.40
CA GLY B 409 -18.22 36.78 -15.88
C GLY B 409 -18.80 38.01 -16.55
N ARG B 410 -18.54 39.17 -15.96
C1 PLO C . 12.36 -16.18 20.91
C2 PLO C . 13.53 -17.03 20.45
C3 PLO C . 13.69 -18.28 21.31
O3 PLO C . 14.91 -18.96 20.99
C4 PLO C . 12.47 -19.13 21.06
C5 PLO C . 11.24 -18.33 21.50
C6 PLO C . 10.38 -18.91 22.37
C7 PLO C . 9.12 -18.24 22.88
C8 PLO C . 8.77 -16.96 22.14
C9 PLO C . 10.04 -16.17 21.78
C10 PLO C . 11.02 -16.96 20.93
C11 PLO C . 9.67 -14.82 21.16
C12 PLO C . 8.68 -14.01 22.00
C13 PLO C . 7.46 -14.82 22.44
C14 PLO C . 7.95 -16.08 23.07
C15 PLO C . 6.73 -16.66 23.75
C16 PLO C . 6.00 -15.42 24.28
C17 PLO C . 6.69 -14.21 23.60
C18 PLO C . 6.55 -15.11 21.25
C19 PLO C . 10.51 -17.17 19.50
C20 PLO C . 5.75 -13.10 23.19
C21 PLO C . 4.26 -13.31 23.19
O20 PLO C . 6.22 -12.02 22.87
CHA HEM D . 3.28 -17.26 26.03
CHB HEM D . 2.36 -12.38 26.72
CHC HEM D . 5.71 -12.23 30.24
CHD HEM D . 6.97 -16.98 29.14
C1A HEM D . 2.75 -15.93 26.00
C2A HEM D . 1.53 -15.64 25.20
C3A HEM D . 1.26 -14.22 25.41
C4A HEM D . 2.35 -13.74 26.30
CMA HEM D . 0.13 -13.41 24.85
CAA HEM D . 0.70 -16.62 24.39
CBA HEM D . 0.68 -16.36 22.91
CGA HEM D . -0.38 -17.27 22.27
O1A HEM D . -0.30 -18.48 22.46
O2A HEM D . -1.28 -16.76 21.57
C1B HEM D . 3.21 -11.90 27.79
C2B HEM D . 3.18 -10.48 28.16
C3B HEM D . 4.18 -10.42 29.20
C4B HEM D . 4.65 -11.82 29.34
CMB HEM D . 2.36 -9.37 27.58
CAB HEM D . 4.56 -9.18 29.93
CBB HEM D . 5.44 -9.14 30.91
C1C HEM D . 6.33 -13.55 30.22
C2C HEM D . 7.24 -13.96 31.31
C3C HEM D . 7.59 -15.32 30.94
C4C HEM D . 6.88 -15.65 29.71
CMC HEM D . 7.70 -13.14 32.50
CAC HEM D . 8.43 -16.31 31.66
CBC HEM D . 8.85 -16.12 32.88
C1D HEM D . 6.02 -17.47 28.17
C2D HEM D . 6.18 -18.82 27.60
C3D HEM D . 5.07 -18.88 26.68
C4D HEM D . 4.41 -17.60 26.84
CMD HEM D . 7.22 -19.88 27.88
CAD HEM D . 4.67 -20.02 25.78
CBD HEM D . 3.56 -20.78 26.54
CGD HEM D . 2.90 -21.80 25.64
O1D HEM D . 2.90 -21.61 24.39
O2D HEM D . 2.35 -22.79 26.20
NA HEM D . 3.37 -14.75 26.65
NB HEM D . 4.06 -12.70 28.46
NC HEM D . 6.11 -14.55 29.15
ND HEM D . 4.98 -16.73 27.72
FE HEM D . 4.37 -14.79 28.35
MG MG E . -11.61 -3.86 -0.57
C FMT F . 10.67 -9.79 14.43
O1 FMT F . 9.67 -9.65 15.17
O2 FMT F . 11.22 -8.73 13.76
K K G . 14.32 -26.09 14.11
CHA HEM H . -2.53 6.51 -30.80
CHB HEM H . -2.32 10.38 -27.60
CHC HEM H . -5.73 12.65 -30.20
CHD HEM H . -6.40 8.43 -32.89
C1A HEM H . -2.18 7.44 -29.74
C2A HEM H . -0.99 7.18 -28.89
C3A HEM H . -0.93 8.30 -27.96
C4A HEM H . -2.11 9.14 -28.30
CMA HEM H . 0.11 8.53 -26.88
CAA HEM H . -0.01 6.01 -29.00
CBA HEM H . 0.14 5.23 -27.70
CGA HEM H . 1.26 4.20 -27.86
O1A HEM H . 2.09 4.07 -26.93
O2A HEM H . 1.32 3.51 -28.90
C1B HEM H . -3.25 11.38 -28.05
C2B HEM H . -3.46 12.61 -27.27
C3B HEM H . -4.47 13.28 -28.05
C4B HEM H . -4.72 12.38 -29.19
CMB HEM H . -2.79 13.04 -25.99
CAB HEM H . -5.08 14.60 -27.69
CBB HEM H . -6.04 15.15 -28.38
C1C HEM H . -6.19 11.67 -31.16
C2C HEM H . -7.14 12.05 -32.24
C3C HEM H . -7.32 10.80 -32.96
C4C HEM H . -6.50 9.77 -32.32
CMC HEM H . -7.79 13.39 -32.51
CAC HEM H . -8.12 10.54 -34.18
CBC HEM H . -8.73 11.50 -34.82
C1D HEM H . -5.35 7.52 -32.54
C2D HEM H . -5.34 6.17 -33.12
C3D HEM H . -4.19 5.60 -32.49
C4D HEM H . -3.66 6.69 -31.65
CMD HEM H . -6.31 5.57 -34.11
CAD HEM H . -3.61 4.25 -32.66
CBD HEM H . -2.38 4.49 -33.57
CGD HEM H . -1.59 3.21 -33.75
O1D HEM H . -1.03 3.01 -34.86
O2D HEM H . -1.54 2.43 -32.77
NA HEM H . -2.97 8.62 -29.36
NB HEM H . -4.00 11.22 -29.17
NC HEM H . -5.80 10.24 -31.13
ND HEM H . -4.36 7.83 -31.65
FE HEM H . -4.00 9.69 -30.68
MG MG I . 11.94 -1.53 -1.82
C1 PLO J . -11.49 2.28 -27.03
C2 PLO J . -12.55 1.24 -27.42
C3 PLO J . -12.50 0.98 -28.92
O3 PLO J . -13.57 0.13 -29.32
C4 PLO J . -11.15 0.38 -29.24
C5 PLO J . -10.08 1.38 -28.88
C6 PLO J . -9.19 1.74 -29.83
C7 PLO J . -8.09 2.76 -29.64
C8 PLO J . -7.88 3.13 -28.17
C9 PLO J . -9.20 3.25 -27.42
C10 PLO J . -10.05 1.95 -27.47
C11 PLO J . -8.93 3.72 -25.98
C12 PLO J . -8.16 5.07 -25.92
C13 PLO J . -6.87 4.99 -26.71
C14 PLO J . -7.20 4.49 -28.10
C15 PLO J . -5.90 4.70 -28.88
C16 PLO J . -5.34 6.00 -28.30
C17 PLO J . -6.17 6.32 -27.05
C18 PLO J . -5.87 4.08 -26.01
C19 PLO J . -9.46 0.87 -26.57
C20 PLO J . -5.35 6.89 -25.93
C21 PLO J . -3.86 6.66 -25.90
O20 PLO J . -5.90 7.54 -25.07
C FMT K . 15.47 -3.34 -31.89
O1 FMT K . 15.39 -4.43 -31.34
O2 FMT K . 14.45 -2.91 -32.67
C FMT L . -2.40 1.78 -60.08
O1 FMT L . -2.10 2.83 -60.63
O2 FMT L . -2.43 0.65 -60.81
C FMT M . -10.42 2.47 -17.75
O1 FMT M . -10.85 2.45 -16.58
O2 FMT M . -9.24 3.07 -18.05
#